data_1QZM
# 
_entry.id   1QZM 
# 
_audit_conform.dict_name       mmcif_pdbx.dic 
_audit_conform.dict_version    5.386 
_audit_conform.dict_location   http://mmcif.pdb.org/dictionaries/ascii/mmcif_pdbx.dic 
# 
loop_
_database_2.database_id 
_database_2.database_code 
_database_2.pdbx_database_accession 
_database_2.pdbx_DOI 
PDB   1QZM         pdb_00001qzm 10.2210/pdb1qzm/pdb 
RCSB  RCSB020263   ?            ?                   
WWPDB D_1000020263 ?            ?                   
# 
loop_
_pdbx_audit_revision_history.ordinal 
_pdbx_audit_revision_history.data_content_type 
_pdbx_audit_revision_history.major_revision 
_pdbx_audit_revision_history.minor_revision 
_pdbx_audit_revision_history.revision_date 
1 'Structure model' 1 0 2004-05-04 
2 'Structure model' 1 1 2007-11-14 
3 'Structure model' 1 2 2011-07-13 
4 'Structure model' 1 3 2017-10-11 
5 'Structure model' 1 4 2024-02-14 
# 
_pdbx_audit_revision_details.ordinal             1 
_pdbx_audit_revision_details.revision_ordinal    1 
_pdbx_audit_revision_details.data_content_type   'Structure model' 
_pdbx_audit_revision_details.provider            repository 
_pdbx_audit_revision_details.type                'Initial release' 
_pdbx_audit_revision_details.description         ? 
_pdbx_audit_revision_details.details             ? 
# 
loop_
_pdbx_audit_revision_group.ordinal 
_pdbx_audit_revision_group.revision_ordinal 
_pdbx_audit_revision_group.data_content_type 
_pdbx_audit_revision_group.group 
1 2 'Structure model' 'Version format compliance' 
2 3 'Structure model' 'Version format compliance' 
3 4 'Structure model' 'Refinement description'    
4 5 'Structure model' 'Data collection'           
5 5 'Structure model' 'Database references'       
# 
loop_
_pdbx_audit_revision_category.ordinal 
_pdbx_audit_revision_category.revision_ordinal 
_pdbx_audit_revision_category.data_content_type 
_pdbx_audit_revision_category.category 
1 4 'Structure model' software       
2 5 'Structure model' chem_comp_atom 
3 5 'Structure model' chem_comp_bond 
4 5 'Structure model' database_2     
# 
loop_
_pdbx_audit_revision_item.ordinal 
_pdbx_audit_revision_item.revision_ordinal 
_pdbx_audit_revision_item.data_content_type 
_pdbx_audit_revision_item.item 
1 4 'Structure model' '_software.classification'            
2 4 'Structure model' '_software.name'                      
3 5 'Structure model' '_database_2.pdbx_DOI'                
4 5 'Structure model' '_database_2.pdbx_database_accession' 
# 
_pdbx_database_status.status_code                     REL 
_pdbx_database_status.entry_id                        1QZM 
_pdbx_database_status.recvd_initial_deposition_date   2003-09-17 
_pdbx_database_status.deposit_site                    RCSB 
_pdbx_database_status.process_site                    RCSB 
_pdbx_database_status.SG_entry                        . 
_pdbx_database_status.status_code_sf                  REL 
_pdbx_database_status.status_code_mr                  ? 
_pdbx_database_status.pdb_format_compatible           Y 
_pdbx_database_status.status_code_cs                  ? 
_pdbx_database_status.methods_development_category    ? 
_pdbx_database_status.status_code_nmr_data            ? 
# 
loop_
_audit_author.name 
_audit_author.pdbx_ordinal 
'Botos, I.'       1  
'Melnikov, E.E.'  2  
'Cherry, S.'      3  
'Khalatova, A.G.' 4  
'Rasulova, F.S.'  5  
'Tropea, J.E.'    6  
'Maurizi, M.R.'   7  
'Rotanova, T.V.'  8  
'Gustchina, A.'   9  
'Wlodawer, A.'    10 
# 
_citation.id                        primary 
_citation.title                     'Crystal structure of the AAA+ alpha domain of E. coli Lon protease at 1.9A resolution.' 
_citation.journal_abbrev            J.Struct.Biol. 
_citation.journal_volume            146 
_citation.page_first                113 
_citation.page_last                 122 
_citation.year                      ? 
_citation.journal_id_ASTM           JSBIEM 
_citation.country                   US 
_citation.journal_id_ISSN           1047-8477 
_citation.journal_id_CSD            0803 
_citation.book_publisher            ? 
_citation.pdbx_database_id_PubMed   15037242 
_citation.pdbx_database_id_DOI      10.1016/j.jsb.2003.09.003 
# 
loop_
_citation_author.citation_id 
_citation_author.name 
_citation_author.ordinal 
_citation_author.identifier_ORCID 
primary 'Botos, I.'       1  ? 
primary 'Melnikov, E.E.'  2  ? 
primary 'Cherry, S.'      3  ? 
primary 'Khalatova, A.G.' 4  ? 
primary 'Rasulova, F.S.'  5  ? 
primary 'Tropea, J.E.'    6  ? 
primary 'Maurizi, M.R.'   7  ? 
primary 'Rotanova, T.V.'  8  ? 
primary 'Gustchina, A.'   9  ? 
primary 'Wlodawer, A.'    10 ? 
# 
loop_
_entity.id 
_entity.type 
_entity.src_method 
_entity.pdbx_description 
_entity.formula_weight 
_entity.pdbx_number_of_molecules 
_entity.pdbx_ec 
_entity.pdbx_mutation 
_entity.pdbx_fragment 
_entity.details 
1 polymer man 'ATP-dependent protease La' 10838.533 1  3.4.21.53 ? 'alpha domain' ? 
2 water   nat water                       18.015    90 ?         ? ?              ? 
# 
_entity_poly.entity_id                      1 
_entity_poly.type                           'polypeptide(L)' 
_entity_poly.nstd_linkage                   no 
_entity_poly.nstd_monomer                   no 
_entity_poly.pdbx_seq_one_letter_code       
;SGYTEDEKLNIAKRHLLPKQIERNALKKGELTVDDSAIIGIIRYYTREAGVRGLEREISKLCRKAVKQLLLDKSLKHIEI
NGDNLHDYLGVQRF
;
_entity_poly.pdbx_seq_one_letter_code_can   
;SGYTEDEKLNIAKRHLLPKQIERNALKKGELTVDDSAIIGIIRYYTREAGVRGLEREISKLCRKAVKQLLLDKSLKHIEI
NGDNLHDYLGVQRF
;
_entity_poly.pdbx_strand_id                 A 
_entity_poly.pdbx_target_identifier         ? 
# 
_pdbx_entity_nonpoly.entity_id   2 
_pdbx_entity_nonpoly.name        water 
_pdbx_entity_nonpoly.comp_id     HOH 
# 
loop_
_entity_poly_seq.entity_id 
_entity_poly_seq.num 
_entity_poly_seq.mon_id 
_entity_poly_seq.hetero 
1 1  SER n 
1 2  GLY n 
1 3  TYR n 
1 4  THR n 
1 5  GLU n 
1 6  ASP n 
1 7  GLU n 
1 8  LYS n 
1 9  LEU n 
1 10 ASN n 
1 11 ILE n 
1 12 ALA n 
1 13 LYS n 
1 14 ARG n 
1 15 HIS n 
1 16 LEU n 
1 17 LEU n 
1 18 PRO n 
1 19 LYS n 
1 20 GLN n 
1 21 ILE n 
1 22 GLU n 
1 23 ARG n 
1 24 ASN n 
1 25 ALA n 
1 26 LEU n 
1 27 LYS n 
1 28 LYS n 
1 29 GLY n 
1 30 GLU n 
1 31 LEU n 
1 32 THR n 
1 33 VAL n 
1 34 ASP n 
1 35 ASP n 
1 36 SER n 
1 37 ALA n 
1 38 ILE n 
1 39 ILE n 
1 40 GLY n 
1 41 ILE n 
1 42 ILE n 
1 43 ARG n 
1 44 TYR n 
1 45 TYR n 
1 46 THR n 
1 47 ARG n 
1 48 GLU n 
1 49 ALA n 
1 50 GLY n 
1 51 VAL n 
1 52 ARG n 
1 53 GLY n 
1 54 LEU n 
1 55 GLU n 
1 56 ARG n 
1 57 GLU n 
1 58 ILE n 
1 59 SER n 
1 60 LYS n 
1 61 LEU n 
1 62 CYS n 
1 63 ARG n 
1 64 LYS n 
1 65 ALA n 
1 66 VAL n 
1 67 LYS n 
1 68 GLN n 
1 69 LEU n 
1 70 LEU n 
1 71 LEU n 
1 72 ASP n 
1 73 LYS n 
1 74 SER n 
1 75 LEU n 
1 76 LYS n 
1 77 HIS n 
1 78 ILE n 
1 79 GLU n 
1 80 ILE n 
1 81 ASN n 
1 82 GLY n 
1 83 ASP n 
1 84 ASN n 
1 85 LEU n 
1 86 HIS n 
1 87 ASP n 
1 88 TYR n 
1 89 LEU n 
1 90 GLY n 
1 91 VAL n 
1 92 GLN n 
1 93 ARG n 
1 94 PHE n 
# 
_entity_src_gen.entity_id                          1 
_entity_src_gen.pdbx_src_id                        1 
_entity_src_gen.pdbx_alt_source_flag               sample 
_entity_src_gen.pdbx_seq_type                      ? 
_entity_src_gen.pdbx_beg_seq_num                   ? 
_entity_src_gen.pdbx_end_seq_num                   ? 
_entity_src_gen.gene_src_common_name               ? 
_entity_src_gen.gene_src_genus                     Escherichia 
_entity_src_gen.pdbx_gene_src_gene                 LON 
_entity_src_gen.gene_src_species                   ? 
_entity_src_gen.gene_src_strain                    ? 
_entity_src_gen.gene_src_tissue                    ? 
_entity_src_gen.gene_src_tissue_fraction           ? 
_entity_src_gen.gene_src_details                   ? 
_entity_src_gen.pdbx_gene_src_fragment             ? 
_entity_src_gen.pdbx_gene_src_scientific_name      'Escherichia coli' 
_entity_src_gen.pdbx_gene_src_ncbi_taxonomy_id     562 
_entity_src_gen.pdbx_gene_src_variant              ? 
_entity_src_gen.pdbx_gene_src_cell_line            ? 
_entity_src_gen.pdbx_gene_src_atcc                 ? 
_entity_src_gen.pdbx_gene_src_organ                ? 
_entity_src_gen.pdbx_gene_src_organelle            ? 
_entity_src_gen.pdbx_gene_src_cell                 ? 
_entity_src_gen.pdbx_gene_src_cellular_location    ? 
_entity_src_gen.host_org_common_name               ? 
_entity_src_gen.pdbx_host_org_scientific_name      'Escherichia coli BL21' 
_entity_src_gen.pdbx_host_org_ncbi_taxonomy_id     511693 
_entity_src_gen.host_org_genus                     Escherichia 
_entity_src_gen.pdbx_host_org_gene                 ? 
_entity_src_gen.pdbx_host_org_organ                ? 
_entity_src_gen.host_org_species                   'Escherichia coli' 
_entity_src_gen.pdbx_host_org_tissue               ? 
_entity_src_gen.pdbx_host_org_tissue_fraction      ? 
_entity_src_gen.pdbx_host_org_strain               BL21 
_entity_src_gen.pdbx_host_org_variant              ? 
_entity_src_gen.pdbx_host_org_cell_line            ? 
_entity_src_gen.pdbx_host_org_atcc                 ? 
_entity_src_gen.pdbx_host_org_culture_collection   ? 
_entity_src_gen.pdbx_host_org_cell                 ? 
_entity_src_gen.pdbx_host_org_organelle            ? 
_entity_src_gen.pdbx_host_org_cellular_location    ? 
_entity_src_gen.pdbx_host_org_vector_type          plasmid 
_entity_src_gen.pdbx_host_org_vector               ? 
_entity_src_gen.host_org_details                   ? 
_entity_src_gen.expression_system_id               ? 
_entity_src_gen.plasmid_name                       pBR-lonS679A 
_entity_src_gen.plasmid_details                    ? 
_entity_src_gen.pdbx_description                   ? 
# 
loop_
_chem_comp.id 
_chem_comp.type 
_chem_comp.mon_nstd_flag 
_chem_comp.name 
_chem_comp.pdbx_synonyms 
_chem_comp.formula 
_chem_comp.formula_weight 
ALA 'L-peptide linking' y ALANINE         ? 'C3 H7 N O2'     89.093  
ARG 'L-peptide linking' y ARGININE        ? 'C6 H15 N4 O2 1' 175.209 
ASN 'L-peptide linking' y ASPARAGINE      ? 'C4 H8 N2 O3'    132.118 
ASP 'L-peptide linking' y 'ASPARTIC ACID' ? 'C4 H7 N O4'     133.103 
CYS 'L-peptide linking' y CYSTEINE        ? 'C3 H7 N O2 S'   121.158 
GLN 'L-peptide linking' y GLUTAMINE       ? 'C5 H10 N2 O3'   146.144 
GLU 'L-peptide linking' y 'GLUTAMIC ACID' ? 'C5 H9 N O4'     147.129 
GLY 'peptide linking'   y GLYCINE         ? 'C2 H5 N O2'     75.067  
HIS 'L-peptide linking' y HISTIDINE       ? 'C6 H10 N3 O2 1' 156.162 
HOH non-polymer         . WATER           ? 'H2 O'           18.015  
ILE 'L-peptide linking' y ISOLEUCINE      ? 'C6 H13 N O2'    131.173 
LEU 'L-peptide linking' y LEUCINE         ? 'C6 H13 N O2'    131.173 
LYS 'L-peptide linking' y LYSINE          ? 'C6 H15 N2 O2 1' 147.195 
PHE 'L-peptide linking' y PHENYLALANINE   ? 'C9 H11 N O2'    165.189 
PRO 'L-peptide linking' y PROLINE         ? 'C5 H9 N O2'     115.130 
SER 'L-peptide linking' y SERINE          ? 'C3 H7 N O3'     105.093 
THR 'L-peptide linking' y THREONINE       ? 'C4 H9 N O3'     119.119 
TYR 'L-peptide linking' y TYROSINE        ? 'C9 H11 N O3'    181.189 
VAL 'L-peptide linking' y VALINE          ? 'C5 H11 N O2'    117.146 
# 
loop_
_pdbx_poly_seq_scheme.asym_id 
_pdbx_poly_seq_scheme.entity_id 
_pdbx_poly_seq_scheme.seq_id 
_pdbx_poly_seq_scheme.mon_id 
_pdbx_poly_seq_scheme.ndb_seq_num 
_pdbx_poly_seq_scheme.pdb_seq_num 
_pdbx_poly_seq_scheme.auth_seq_num 
_pdbx_poly_seq_scheme.pdb_mon_id 
_pdbx_poly_seq_scheme.auth_mon_id 
_pdbx_poly_seq_scheme.pdb_strand_id 
_pdbx_poly_seq_scheme.pdb_ins_code 
_pdbx_poly_seq_scheme.hetero 
A 1 1  SER 1  491 491 SER SER A . n 
A 1 2  GLY 2  492 492 GLY GLY A . n 
A 1 3  TYR 3  493 493 TYR TYR A . n 
A 1 4  THR 4  494 494 THR THR A . n 
A 1 5  GLU 5  495 495 GLU GLU A . n 
A 1 6  ASP 6  496 496 ASP ASP A . n 
A 1 7  GLU 7  497 497 GLU GLU A . n 
A 1 8  LYS 8  498 498 LYS LYS A . n 
A 1 9  LEU 9  499 499 LEU LEU A . n 
A 1 10 ASN 10 500 500 ASN ASN A . n 
A 1 11 ILE 11 501 501 ILE ILE A . n 
A 1 12 ALA 12 502 502 ALA ALA A . n 
A 1 13 LYS 13 503 503 LYS LYS A . n 
A 1 14 ARG 14 504 504 ARG ARG A . n 
A 1 15 HIS 15 505 505 HIS HIS A . n 
A 1 16 LEU 16 506 506 LEU LEU A . n 
A 1 17 LEU 17 507 507 LEU LEU A . n 
A 1 18 PRO 18 508 508 PRO PRO A . n 
A 1 19 LYS 19 509 509 LYS LYS A . n 
A 1 20 GLN 20 510 510 GLN GLN A . n 
A 1 21 ILE 21 511 511 ILE ILE A . n 
A 1 22 GLU 22 512 512 GLU GLU A . n 
A 1 23 ARG 23 513 513 ARG ARG A . n 
A 1 24 ASN 24 514 514 ASN ASN A . n 
A 1 25 ALA 25 515 515 ALA ALA A . n 
A 1 26 LEU 26 516 516 LEU LEU A . n 
A 1 27 LYS 27 517 517 LYS LYS A . n 
A 1 28 LYS 28 518 518 LYS LYS A . n 
A 1 29 GLY 29 519 519 GLY GLY A . n 
A 1 30 GLU 30 520 520 GLU GLU A . n 
A 1 31 LEU 31 521 521 LEU LEU A . n 
A 1 32 THR 32 522 522 THR THR A . n 
A 1 33 VAL 33 523 523 VAL VAL A . n 
A 1 34 ASP 34 524 524 ASP ASP A . n 
A 1 35 ASP 35 525 525 ASP ASP A . n 
A 1 36 SER 36 526 526 SER SER A . n 
A 1 37 ALA 37 527 527 ALA ALA A . n 
A 1 38 ILE 38 528 528 ILE ILE A . n 
A 1 39 ILE 39 529 529 ILE ILE A . n 
A 1 40 GLY 40 530 530 GLY GLY A . n 
A 1 41 ILE 41 531 531 ILE ILE A . n 
A 1 42 ILE 42 532 532 ILE ILE A . n 
A 1 43 ARG 43 533 533 ARG ARG A . n 
A 1 44 TYR 44 534 534 TYR TYR A . n 
A 1 45 TYR 45 535 535 TYR TYR A . n 
A 1 46 THR 46 536 536 THR THR A . n 
A 1 47 ARG 47 537 537 ARG ARG A . n 
A 1 48 GLU 48 538 538 GLU GLU A . n 
A 1 49 ALA 49 539 539 ALA ALA A . n 
A 1 50 GLY 50 540 540 GLY GLY A . n 
A 1 51 VAL 51 541 541 VAL VAL A . n 
A 1 52 ARG 52 542 542 ARG ARG A . n 
A 1 53 GLY 53 543 543 GLY GLY A . n 
A 1 54 LEU 54 544 544 LEU LEU A . n 
A 1 55 GLU 55 545 545 GLU GLU A . n 
A 1 56 ARG 56 546 546 ARG ARG A . n 
A 1 57 GLU 57 547 547 GLU GLU A . n 
A 1 58 ILE 58 548 548 ILE ILE A . n 
A 1 59 SER 59 549 549 SER SER A . n 
A 1 60 LYS 60 550 550 LYS LYS A . n 
A 1 61 LEU 61 551 551 LEU LEU A . n 
A 1 62 CYS 62 552 552 CYS CYS A . n 
A 1 63 ARG 63 553 553 ARG ARG A . n 
A 1 64 LYS 64 554 554 LYS LYS A . n 
A 1 65 ALA 65 555 555 ALA ALA A . n 
A 1 66 VAL 66 556 556 VAL VAL A . n 
A 1 67 LYS 67 557 557 LYS LYS A . n 
A 1 68 GLN 68 558 558 GLN GLN A . n 
A 1 69 LEU 69 559 559 LEU LEU A . n 
A 1 70 LEU 70 560 560 LEU LEU A . n 
A 1 71 LEU 71 561 561 LEU LEU A . n 
A 1 72 ASP 72 562 562 ASP ASP A . n 
A 1 73 LYS 73 563 563 LYS LYS A . n 
A 1 74 SER 74 564 564 SER SER A . n 
A 1 75 LEU 75 565 565 LEU LEU A . n 
A 1 76 LYS 76 566 566 LYS LYS A . n 
A 1 77 HIS 77 567 567 HIS HIS A . n 
A 1 78 ILE 78 568 568 ILE ILE A . n 
A 1 79 GLU 79 569 569 GLU GLU A . n 
A 1 80 ILE 80 570 570 ILE ILE A . n 
A 1 81 ASN 81 571 571 ASN ASN A . n 
A 1 82 GLY 82 572 572 GLY GLY A . n 
A 1 83 ASP 83 573 573 ASP ASP A . n 
A 1 84 ASN 84 574 574 ASN ASN A . n 
A 1 85 LEU 85 575 575 LEU LEU A . n 
A 1 86 HIS 86 576 576 HIS HIS A . n 
A 1 87 ASP 87 577 577 ASP ASP A . n 
A 1 88 TYR 88 578 578 TYR TYR A . n 
A 1 89 LEU 89 579 579 LEU LEU A . n 
A 1 90 GLY 90 580 580 GLY GLY A . n 
A 1 91 VAL 91 581 581 VAL VAL A . n 
A 1 92 GLN 92 582 582 GLN GLN A . n 
A 1 93 ARG 93 583 583 ARG ARG A . n 
A 1 94 PHE 94 584 584 PHE PHE A . n 
# 
loop_
_pdbx_nonpoly_scheme.asym_id 
_pdbx_nonpoly_scheme.entity_id 
_pdbx_nonpoly_scheme.mon_id 
_pdbx_nonpoly_scheme.ndb_seq_num 
_pdbx_nonpoly_scheme.pdb_seq_num 
_pdbx_nonpoly_scheme.auth_seq_num 
_pdbx_nonpoly_scheme.pdb_mon_id 
_pdbx_nonpoly_scheme.auth_mon_id 
_pdbx_nonpoly_scheme.pdb_strand_id 
_pdbx_nonpoly_scheme.pdb_ins_code 
B 2 HOH 1  1001 1001 HOH HOH A . 
B 2 HOH 2  1002 1002 HOH HOH A . 
B 2 HOH 3  1003 1003 HOH HOH A . 
B 2 HOH 4  1004 1004 HOH HOH A . 
B 2 HOH 5  1005 1005 HOH HOH A . 
B 2 HOH 6  1006 1006 HOH HOH A . 
B 2 HOH 7  1007 1007 HOH HOH A . 
B 2 HOH 8  1008 1008 HOH HOH A . 
B 2 HOH 9  1009 1009 HOH HOH A . 
B 2 HOH 10 1010 1010 HOH HOH A . 
B 2 HOH 11 1011 1011 HOH HOH A . 
B 2 HOH 12 1012 1012 HOH HOH A . 
B 2 HOH 13 1013 1013 HOH HOH A . 
B 2 HOH 14 1014 1014 HOH HOH A . 
B 2 HOH 15 1015 1015 HOH HOH A . 
B 2 HOH 16 1016 1016 HOH HOH A . 
B 2 HOH 17 1017 1017 HOH HOH A . 
B 2 HOH 18 1018 1018 HOH HOH A . 
B 2 HOH 19 1019 1019 HOH HOH A . 
B 2 HOH 20 1020 1020 HOH HOH A . 
B 2 HOH 21 1021 1021 HOH HOH A . 
B 2 HOH 22 1022 1022 HOH HOH A . 
B 2 HOH 23 1023 1023 HOH HOH A . 
B 2 HOH 24 1024 1024 HOH HOH A . 
B 2 HOH 25 1025 1025 HOH HOH A . 
B 2 HOH 26 1026 1026 HOH HOH A . 
B 2 HOH 27 1027 1027 HOH HOH A . 
B 2 HOH 28 1028 1028 HOH HOH A . 
B 2 HOH 29 1029 1029 HOH HOH A . 
B 2 HOH 30 1030 1030 HOH HOH A . 
B 2 HOH 31 1031 1031 HOH HOH A . 
B 2 HOH 32 1032 1032 HOH HOH A . 
B 2 HOH 33 1033 1033 HOH HOH A . 
B 2 HOH 34 1034 1034 HOH HOH A . 
B 2 HOH 35 1035 1035 HOH HOH A . 
B 2 HOH 36 1036 1036 HOH HOH A . 
B 2 HOH 37 1037 1037 HOH HOH A . 
B 2 HOH 38 1038 1038 HOH HOH A . 
B 2 HOH 39 1039 1039 HOH HOH A . 
B 2 HOH 40 1040 1040 HOH HOH A . 
B 2 HOH 41 1041 1041 HOH HOH A . 
B 2 HOH 42 1042 1042 HOH HOH A . 
B 2 HOH 43 1043 1043 HOH HOH A . 
B 2 HOH 44 1044 1044 HOH HOH A . 
B 2 HOH 45 1045 1045 HOH HOH A . 
B 2 HOH 46 1046 1046 HOH HOH A . 
B 2 HOH 47 1047 1047 HOH HOH A . 
B 2 HOH 48 1048 1048 HOH HOH A . 
B 2 HOH 49 1049 1049 HOH HOH A . 
B 2 HOH 50 1050 1050 HOH HOH A . 
B 2 HOH 51 1051 1051 HOH HOH A . 
B 2 HOH 52 1052 1052 HOH HOH A . 
B 2 HOH 53 1053 1053 HOH HOH A . 
B 2 HOH 54 1054 1054 HOH HOH A . 
B 2 HOH 55 1055 1055 HOH HOH A . 
B 2 HOH 56 1056 1056 HOH HOH A . 
B 2 HOH 57 1057 1057 HOH HOH A . 
B 2 HOH 58 1058 1058 HOH HOH A . 
B 2 HOH 59 1059 1059 HOH HOH A . 
B 2 HOH 60 1060 1060 HOH HOH A . 
B 2 HOH 61 1061 1061 HOH HOH A . 
B 2 HOH 62 1062 1062 HOH HOH A . 
B 2 HOH 63 1063 1063 HOH HOH A . 
B 2 HOH 64 1064 1064 HOH HOH A . 
B 2 HOH 65 1065 1065 HOH HOH A . 
B 2 HOH 66 1066 1066 HOH HOH A . 
B 2 HOH 67 1067 1067 HOH HOH A . 
B 2 HOH 68 1068 1068 HOH HOH A . 
B 2 HOH 69 1069 1069 HOH HOH A . 
B 2 HOH 70 1070 1070 HOH HOH A . 
B 2 HOH 71 1071 1071 HOH HOH A . 
B 2 HOH 72 1072 1072 HOH HOH A . 
B 2 HOH 73 1073 1073 HOH HOH A . 
B 2 HOH 74 1074 1074 HOH HOH A . 
B 2 HOH 75 1075 1075 HOH HOH A . 
B 2 HOH 76 1076 1076 HOH HOH A . 
B 2 HOH 77 1077 1077 HOH HOH A . 
B 2 HOH 78 1078 1078 HOH HOH A . 
B 2 HOH 79 1079 1079 HOH HOH A . 
B 2 HOH 80 1080 1080 HOH HOH A . 
B 2 HOH 81 1081 1081 HOH HOH A . 
B 2 HOH 82 1082 1082 HOH HOH A . 
B 2 HOH 83 1083 1083 HOH HOH A . 
B 2 HOH 84 1084 1084 HOH HOH A . 
B 2 HOH 85 1085 1085 HOH HOH A . 
B 2 HOH 86 1086 1086 HOH HOH A . 
B 2 HOH 87 1087 1087 HOH HOH A . 
B 2 HOH 88 1088 1088 HOH HOH A . 
B 2 HOH 89 1089 1089 HOH HOH A . 
B 2 HOH 90 1090 1090 HOH HOH A . 
# 
loop_
_software.name 
_software.classification 
_software.version 
_software.citation_id 
_software.pdbx_ordinal 
SHELX     'model building'  . ? 1 
SHELXL-97 refinement        . ? 2 
MAR345    'data collection' . ? 3 
SCALEPACK 'data scaling'    . ? 4 
SHARP     phasing           . ? 5 
CNS       refinement        . ? 6 
SHELXL    refinement        . ? 7 
# 
_cell.entry_id           1QZM 
_cell.length_a           46.430 
_cell.length_b           46.430 
_cell.length_c           85.200 
_cell.angle_alpha        90.00 
_cell.angle_beta         90.00 
_cell.angle_gamma        90.00 
_cell.Z_PDB              8 
_cell.pdbx_unique_axis   ? 
_cell.length_a_esd       ? 
_cell.length_b_esd       ? 
_cell.length_c_esd       ? 
_cell.angle_alpha_esd    ? 
_cell.angle_beta_esd     ? 
_cell.angle_gamma_esd    ? 
# 
_symmetry.entry_id                         1QZM 
_symmetry.space_group_name_H-M             'P 43 21 2' 
_symmetry.pdbx_full_space_group_name_H-M   ? 
_symmetry.cell_setting                     ? 
_symmetry.Int_Tables_number                96 
_symmetry.space_group_name_Hall            ? 
# 
_exptl.entry_id          1QZM 
_exptl.method            'X-RAY DIFFRACTION' 
_exptl.crystals_number   1 
# 
_exptl_crystal.id                    1 
_exptl_crystal.density_meas          ? 
_exptl_crystal.density_Matthews      2.11 
_exptl_crystal.density_percent_sol   41.93 
_exptl_crystal.description           ? 
_exptl_crystal.F_000                 ? 
_exptl_crystal.preparation           ? 
# 
_exptl_crystal_grow.crystal_id      1 
_exptl_crystal_grow.method          'VAPOR DIFFUSION, HANGING DROP' 
_exptl_crystal_grow.temp            298 
_exptl_crystal_grow.temp_details    ? 
_exptl_crystal_grow.pH              9.5 
_exptl_crystal_grow.pdbx_details    'PEG 3000, CHES, pH 9.5, VAPOR DIFFUSION, HANGING DROP, temperature 298K' 
_exptl_crystal_grow.pdbx_pH_range   . 
# 
_diffrn.id                     1 
_diffrn.ambient_temp           100 
_diffrn.ambient_temp_details   ? 
_diffrn.crystal_id             1 
# 
_diffrn_detector.diffrn_id              1 
_diffrn_detector.detector               CCD 
_diffrn_detector.type                   MARRESEARCH 
_diffrn_detector.pdbx_collection_date   2003-03-20 
_diffrn_detector.details                'MSC/Osmic mirror' 
# 
_diffrn_radiation.diffrn_id                        1 
_diffrn_radiation.wavelength_id                    1 
_diffrn_radiation.pdbx_monochromatic_or_laue_m_l   M 
_diffrn_radiation.monochromator                    'MSC/Osmic mirror' 
_diffrn_radiation.pdbx_diffrn_protocol             'SINGLE WAVELENGTH' 
_diffrn_radiation.pdbx_scattering_type             x-ray 
# 
_diffrn_radiation_wavelength.id           1 
_diffrn_radiation_wavelength.wavelength   1.5418 
_diffrn_radiation_wavelength.wt           1.0 
# 
_diffrn_source.diffrn_id                   1 
_diffrn_source.source                      'ROTATING ANODE' 
_diffrn_source.type                        'RIGAKU RU200' 
_diffrn_source.pdbx_synchrotron_site       ? 
_diffrn_source.pdbx_synchrotron_beamline   ? 
_diffrn_source.pdbx_wavelength             ? 
_diffrn_source.pdbx_wavelength_list        1.5418 
# 
_reflns.entry_id                     1QZM 
_reflns.observed_criterion_sigma_I   2.0 
_reflns.observed_criterion_sigma_F   2.0 
_reflns.d_resolution_low             20 
_reflns.d_resolution_high            1.9 
_reflns.number_obs                   6595 
_reflns.number_all                   7808 
_reflns.percent_possible_obs         98.8 
_reflns.pdbx_Rmerge_I_obs            ? 
_reflns.pdbx_Rsym_value              ? 
_reflns.pdbx_netI_over_sigmaI        ? 
_reflns.B_iso_Wilson_estimate        ? 
_reflns.pdbx_redundancy              ? 
_reflns.R_free_details               ? 
_reflns.limit_h_max                  ? 
_reflns.limit_h_min                  ? 
_reflns.limit_k_max                  ? 
_reflns.limit_k_min                  ? 
_reflns.limit_l_max                  ? 
_reflns.limit_l_min                  ? 
_reflns.observed_criterion_F_max     ? 
_reflns.observed_criterion_F_min     ? 
_reflns.pdbx_chi_squared             ? 
_reflns.pdbx_scaling_rejects         ? 
_reflns.pdbx_diffrn_id               1 
_reflns.pdbx_ordinal                 1 
# 
_reflns_shell.d_res_high             1.9 
_reflns_shell.d_res_low              2.02 
_reflns_shell.percent_possible_all   89.2 
_reflns_shell.Rmerge_I_obs           ? 
_reflns_shell.pdbx_Rsym_value        ? 
_reflns_shell.meanI_over_sigI_obs    ? 
_reflns_shell.pdbx_redundancy        ? 
_reflns_shell.percent_possible_obs   ? 
_reflns_shell.number_unique_all      ? 
_reflns_shell.number_measured_all    ? 
_reflns_shell.number_measured_obs    ? 
_reflns_shell.number_unique_obs      ? 
_reflns_shell.pdbx_chi_squared       ? 
_reflns_shell.pdbx_diffrn_id         ? 
_reflns_shell.pdbx_ordinal           1 
# 
_refine.entry_id                                 1QZM 
_refine.ls_number_reflns_obs                     6595 
_refine.ls_number_reflns_all                     7808 
_refine.pdbx_ls_sigma_I                          ? 
_refine.pdbx_ls_sigma_F                          0.0 
_refine.pdbx_data_cutoff_high_absF               ? 
_refine.pdbx_data_cutoff_low_absF                ? 
_refine.pdbx_data_cutoff_high_rms_absF           ? 
_refine.ls_d_res_low                             10.00 
_refine.ls_d_res_high                            1.90 
_refine.ls_percent_reflns_obs                    84.8 
_refine.ls_R_factor_obs                          0.184 
_refine.ls_R_factor_all                          ? 
_refine.ls_R_factor_R_work                       0.179 
_refine.ls_R_factor_R_free                       0.2824 
_refine.ls_R_factor_R_free_error                 ? 
_refine.ls_R_factor_R_free_error_details         ? 
_refine.ls_percent_reflns_R_free                 11.9 
_refine.ls_number_reflns_R_free                  787 
_refine.ls_number_parameters                     3423 
_refine.ls_number_restraints                     3088 
_refine.occupancy_min                            ? 
_refine.occupancy_max                            ? 
_refine.correlation_coeff_Fo_to_Fc               ? 
_refine.correlation_coeff_Fo_to_Fc_free          ? 
_refine.B_iso_mean                               ? 
_refine.aniso_B[1][1]                            ? 
_refine.aniso_B[2][2]                            ? 
_refine.aniso_B[3][3]                            ? 
_refine.aniso_B[1][2]                            ? 
_refine.aniso_B[1][3]                            ? 
_refine.aniso_B[2][3]                            ? 
_refine.solvent_model_details                    ? 
_refine.solvent_model_param_ksol                 ? 
_refine.solvent_model_param_bsol                 ? 
_refine.pdbx_solvent_vdw_probe_radii             ? 
_refine.pdbx_solvent_ion_probe_radii             ? 
_refine.pdbx_solvent_shrinkage_radii             ? 
_refine.pdbx_ls_cross_valid_method               'FREE R' 
_refine.details                                  ? 
_refine.pdbx_starting_model                      ? 
_refine.pdbx_method_to_determine_struct          SIRAS 
_refine.pdbx_isotropic_thermal_model             ? 
_refine.pdbx_stereochemistry_target_values       'ENGH AND HUBER' 
_refine.pdbx_stereochem_target_val_spec_case     ? 
_refine.pdbx_R_Free_selection_details            RANDOM 
_refine.pdbx_overall_ESU_R                       ? 
_refine.pdbx_overall_ESU_R_Free                  ? 
_refine.overall_SU_ML                            ? 
_refine.overall_SU_B                             ? 
_refine.ls_redundancy_reflns_obs                 ? 
_refine.B_iso_min                                ? 
_refine.B_iso_max                                ? 
_refine.overall_SU_R_Cruickshank_DPI             ? 
_refine.overall_SU_R_free                        ? 
_refine.ls_wR_factor_R_free                      ? 
_refine.ls_wR_factor_R_work                      ? 
_refine.overall_FOM_free_R_set                   ? 
_refine.overall_FOM_work_R_set                   ? 
_refine.pdbx_refine_id                           'X-RAY DIFFRACTION' 
_refine.pdbx_diffrn_id                           1 
_refine.pdbx_TLS_residual_ADP_flag               ? 
_refine.pdbx_overall_phase_error                 ? 
_refine.pdbx_overall_SU_R_free_Cruickshank_DPI   ? 
_refine.pdbx_overall_SU_R_Blow_DPI               ? 
_refine.pdbx_overall_SU_R_free_Blow_DPI          ? 
# 
_refine_analyze.entry_id                        1QZM 
_refine_analyze.Luzzati_coordinate_error_obs    ? 
_refine_analyze.Luzzati_sigma_a_obs             ? 
_refine_analyze.Luzzati_d_res_low_obs           ? 
_refine_analyze.Luzzati_coordinate_error_free   ? 
_refine_analyze.Luzzati_sigma_a_free            ? 
_refine_analyze.Luzzati_d_res_low_free          ? 
_refine_analyze.number_disordered_residues      0 
_refine_analyze.occupancy_sum_hydrogen          0.00 
_refine_analyze.occupancy_sum_non_hydrogen      852.00 
_refine_analyze.pdbx_Luzzati_d_res_high_obs     ? 
_refine_analyze.pdbx_refine_id                  'X-RAY DIFFRACTION' 
# 
_refine_hist.pdbx_refine_id                   'X-RAY DIFFRACTION' 
_refine_hist.cycle_id                         LAST 
_refine_hist.pdbx_number_atoms_protein        762 
_refine_hist.pdbx_number_atoms_nucleic_acid   0 
_refine_hist.pdbx_number_atoms_ligand         0 
_refine_hist.number_atoms_solvent             90 
_refine_hist.number_atoms_total               852 
_refine_hist.d_res_high                       1.90 
_refine_hist.d_res_low                        10.00 
# 
loop_
_refine_ls_restr.type 
_refine_ls_restr.dev_ideal 
_refine_ls_restr.dev_ideal_target 
_refine_ls_restr.weight 
_refine_ls_restr.number 
_refine_ls_restr.pdbx_refine_id 
_refine_ls_restr.pdbx_restraint_function 
s_bond_d               0.011  ? ? ? 'X-RAY DIFFRACTION' ? 
s_angle_d              0.038  ? ? ? 'X-RAY DIFFRACTION' ? 
s_similar_dist         0.000  ? ? ? 'X-RAY DIFFRACTION' ? 
s_from_restr_planes    0.0238 ? ? ? 'X-RAY DIFFRACTION' ? 
s_zero_chiral_vol      0.055  ? ? ? 'X-RAY DIFFRACTION' ? 
s_non_zero_chiral_vol  0.067  ? ? ? 'X-RAY DIFFRACTION' ? 
s_anti_bump_dis_restr  0.012  ? ? ? 'X-RAY DIFFRACTION' ? 
s_rigid_bond_adp_cmpnt 0.000  ? ? ? 'X-RAY DIFFRACTION' ? 
s_similar_adp_cmpnt    0.096  ? ? ? 'X-RAY DIFFRACTION' ? 
s_approx_iso_adps      0.000  ? ? ? 'X-RAY DIFFRACTION' ? 
# 
_refine_ls_shell.pdbx_total_number_of_bins_used   ? 
_refine_ls_shell.d_res_high                       1.9 
_refine_ls_shell.d_res_low                        2.02 
_refine_ls_shell.number_reflns_R_work             ? 
_refine_ls_shell.R_factor_R_work                  ? 
_refine_ls_shell.percent_reflns_obs               ? 
_refine_ls_shell.R_factor_R_free                  ? 
_refine_ls_shell.R_factor_R_free_error            ? 
_refine_ls_shell.percent_reflns_R_free            ? 
_refine_ls_shell.number_reflns_R_free             ? 
_refine_ls_shell.number_reflns_obs                ? 
_refine_ls_shell.redundancy_reflns_obs            ? 
_refine_ls_shell.number_reflns_all                ? 
_refine_ls_shell.R_factor_all                     ? 
_refine_ls_shell.pdbx_refine_id                   'X-RAY DIFFRACTION' 
# 
_pdbx_refine.entry_id                                    1QZM 
_pdbx_refine.R_factor_all_no_cutoff                      ? 
_pdbx_refine.R_factor_obs_no_cutoff                      0.184 
_pdbx_refine.free_R_factor_no_cutoff                     0.2824 
_pdbx_refine.free_R_val_test_set_size_perc_no_cutoff     11.9 
_pdbx_refine.free_R_val_test_set_ct_no_cutoff            787 
_pdbx_refine.R_factor_all_4sig_cutoff                    ? 
_pdbx_refine.R_factor_obs_4sig_cutoff                    0.1706 
_pdbx_refine.free_R_factor_4sig_cutoff                   0.269 
_pdbx_refine.free_R_val_test_set_size_perc_4sig_cutoff   12.1 
_pdbx_refine.free_R_val_test_set_ct_4sig_cutoff          654 
_pdbx_refine.number_reflns_obs_4sig_cutoff               5383 
_pdbx_refine.number_reflns_obs_no_cutoff                 ? 
_pdbx_refine.pdbx_refine_id                              'X-RAY DIFFRACTION' 
_pdbx_refine.free_R_error_no_cutoff                      ? 
# 
_struct.entry_id                  1QZM 
_struct.title                     'alpha-domain of ATPase' 
_struct.pdbx_model_details        ? 
_struct.pdbx_CASP_flag            ? 
_struct.pdbx_model_type_details   ? 
# 
_struct_keywords.entry_id        1QZM 
_struct_keywords.pdbx_keywords   HYDROLASE 
_struct_keywords.text            'oligomerization domain, AAA+ protein, ATP-dependent protease, HYDROLASE' 
# 
loop_
_struct_asym.id 
_struct_asym.pdbx_blank_PDB_chainid_flag 
_struct_asym.pdbx_modified 
_struct_asym.entity_id 
_struct_asym.details 
A N N 1 ? 
B N N 2 ? 
# 
_struct_ref.id                         1 
_struct_ref.db_name                    UNP 
_struct_ref.db_code                    LON_ECOLI 
_struct_ref.pdbx_db_accession          P0A9M0 
_struct_ref.entity_id                  1 
_struct_ref.pdbx_seq_one_letter_code   
;SGYTEDEKLNIAKRHLLPKQIERNALKKGELTVDDSAIIGIIRYYTREAGVRGLEREISKLCRKAVKQLLLDKSLKHIEI
NGDNLHDYLGVQRF
;
_struct_ref.pdbx_align_begin           491 
_struct_ref.pdbx_db_isoform            ? 
# 
_struct_ref_seq.align_id                      1 
_struct_ref_seq.ref_id                        1 
_struct_ref_seq.pdbx_PDB_id_code              1QZM 
_struct_ref_seq.pdbx_strand_id                A 
_struct_ref_seq.seq_align_beg                 1 
_struct_ref_seq.pdbx_seq_align_beg_ins_code   ? 
_struct_ref_seq.seq_align_end                 94 
_struct_ref_seq.pdbx_seq_align_end_ins_code   ? 
_struct_ref_seq.pdbx_db_accession             P0A9M0 
_struct_ref_seq.db_align_beg                  491 
_struct_ref_seq.pdbx_db_align_beg_ins_code    ? 
_struct_ref_seq.db_align_end                  584 
_struct_ref_seq.pdbx_db_align_end_ins_code    ? 
_struct_ref_seq.pdbx_auth_seq_align_beg       491 
_struct_ref_seq.pdbx_auth_seq_align_end       584 
# 
_pdbx_struct_assembly.id                   1 
_pdbx_struct_assembly.details              author_defined_assembly 
_pdbx_struct_assembly.method_details       ? 
_pdbx_struct_assembly.oligomeric_details   monomeric 
_pdbx_struct_assembly.oligomeric_count     1 
# 
_pdbx_struct_assembly_gen.assembly_id       1 
_pdbx_struct_assembly_gen.oper_expression   1 
_pdbx_struct_assembly_gen.asym_id_list      A,B 
# 
_pdbx_struct_oper_list.id                   1 
_pdbx_struct_oper_list.type                 'identity operation' 
_pdbx_struct_oper_list.name                 1_555 
_pdbx_struct_oper_list.symmetry_operation   x,y,z 
_pdbx_struct_oper_list.matrix[1][1]         1.0000000000 
_pdbx_struct_oper_list.matrix[1][2]         0.0000000000 
_pdbx_struct_oper_list.matrix[1][3]         0.0000000000 
_pdbx_struct_oper_list.vector[1]            0.0000000000 
_pdbx_struct_oper_list.matrix[2][1]         0.0000000000 
_pdbx_struct_oper_list.matrix[2][2]         1.0000000000 
_pdbx_struct_oper_list.matrix[2][3]         0.0000000000 
_pdbx_struct_oper_list.vector[2]            0.0000000000 
_pdbx_struct_oper_list.matrix[3][1]         0.0000000000 
_pdbx_struct_oper_list.matrix[3][2]         0.0000000000 
_pdbx_struct_oper_list.matrix[3][3]         1.0000000000 
_pdbx_struct_oper_list.vector[3]            0.0000000000 
# 
loop_
_struct_conf.conf_type_id 
_struct_conf.id 
_struct_conf.pdbx_PDB_helix_id 
_struct_conf.beg_label_comp_id 
_struct_conf.beg_label_asym_id 
_struct_conf.beg_label_seq_id 
_struct_conf.pdbx_beg_PDB_ins_code 
_struct_conf.end_label_comp_id 
_struct_conf.end_label_asym_id 
_struct_conf.end_label_seq_id 
_struct_conf.pdbx_end_PDB_ins_code 
_struct_conf.beg_auth_comp_id 
_struct_conf.beg_auth_asym_id 
_struct_conf.beg_auth_seq_id 
_struct_conf.end_auth_comp_id 
_struct_conf.end_auth_asym_id 
_struct_conf.end_auth_seq_id 
_struct_conf.pdbx_PDB_helix_class 
_struct_conf.details 
_struct_conf.pdbx_PDB_helix_length 
HELX_P HELX_P1 1 THR A 4  ? HIS A 15 ? THR A 494 HIS A 505 1 ? 12 
HELX_P HELX_P2 2 HIS A 15 ? ASN A 24 ? HIS A 505 ASN A 514 1 ? 10 
HELX_P HELX_P3 3 ASP A 34 ? THR A 46 ? ASP A 524 THR A 536 1 ? 13 
HELX_P HELX_P4 4 VAL A 51 ? LEU A 71 ? VAL A 541 LEU A 561 1 ? 21 
HELX_P HELX_P5 5 ASN A 84 ? GLY A 90 ? ASN A 574 GLY A 580 1 ? 7  
# 
_struct_conf_type.id          HELX_P 
_struct_conf_type.criteria    ? 
_struct_conf_type.reference   ? 
# 
_struct_sheet.id               A 
_struct_sheet.type             ? 
_struct_sheet.number_strands   2 
_struct_sheet.details          ? 
# 
_struct_sheet_order.sheet_id     A 
_struct_sheet_order.range_id_1   1 
_struct_sheet_order.range_id_2   2 
_struct_sheet_order.offset       ? 
_struct_sheet_order.sense        parallel 
# 
loop_
_struct_sheet_range.sheet_id 
_struct_sheet_range.id 
_struct_sheet_range.beg_label_comp_id 
_struct_sheet_range.beg_label_asym_id 
_struct_sheet_range.beg_label_seq_id 
_struct_sheet_range.pdbx_beg_PDB_ins_code 
_struct_sheet_range.end_label_comp_id 
_struct_sheet_range.end_label_asym_id 
_struct_sheet_range.end_label_seq_id 
_struct_sheet_range.pdbx_end_PDB_ins_code 
_struct_sheet_range.beg_auth_comp_id 
_struct_sheet_range.beg_auth_asym_id 
_struct_sheet_range.beg_auth_seq_id 
_struct_sheet_range.end_auth_comp_id 
_struct_sheet_range.end_auth_asym_id 
_struct_sheet_range.end_auth_seq_id 
A 1 LEU A 31 ? VAL A 33 ? LEU A 521 VAL A 523 
A 2 ILE A 78 ? ILE A 80 ? ILE A 568 ILE A 570 
# 
_pdbx_struct_sheet_hbond.sheet_id                A 
_pdbx_struct_sheet_hbond.range_id_1              1 
_pdbx_struct_sheet_hbond.range_id_2              2 
_pdbx_struct_sheet_hbond.range_1_label_atom_id   N 
_pdbx_struct_sheet_hbond.range_1_label_comp_id   THR 
_pdbx_struct_sheet_hbond.range_1_label_asym_id   A 
_pdbx_struct_sheet_hbond.range_1_label_seq_id    32 
_pdbx_struct_sheet_hbond.range_1_PDB_ins_code    ? 
_pdbx_struct_sheet_hbond.range_1_auth_atom_id    N 
_pdbx_struct_sheet_hbond.range_1_auth_comp_id    THR 
_pdbx_struct_sheet_hbond.range_1_auth_asym_id    A 
_pdbx_struct_sheet_hbond.range_1_auth_seq_id     522 
_pdbx_struct_sheet_hbond.range_2_label_atom_id   O 
_pdbx_struct_sheet_hbond.range_2_label_comp_id   ILE 
_pdbx_struct_sheet_hbond.range_2_label_asym_id   A 
_pdbx_struct_sheet_hbond.range_2_label_seq_id    78 
_pdbx_struct_sheet_hbond.range_2_PDB_ins_code    ? 
_pdbx_struct_sheet_hbond.range_2_auth_atom_id    O 
_pdbx_struct_sheet_hbond.range_2_auth_comp_id    ILE 
_pdbx_struct_sheet_hbond.range_2_auth_asym_id    A 
_pdbx_struct_sheet_hbond.range_2_auth_seq_id     568 
# 
loop_
_pdbx_validate_rmsd_angle.id 
_pdbx_validate_rmsd_angle.PDB_model_num 
_pdbx_validate_rmsd_angle.auth_atom_id_1 
_pdbx_validate_rmsd_angle.auth_asym_id_1 
_pdbx_validate_rmsd_angle.auth_comp_id_1 
_pdbx_validate_rmsd_angle.auth_seq_id_1 
_pdbx_validate_rmsd_angle.PDB_ins_code_1 
_pdbx_validate_rmsd_angle.label_alt_id_1 
_pdbx_validate_rmsd_angle.auth_atom_id_2 
_pdbx_validate_rmsd_angle.auth_asym_id_2 
_pdbx_validate_rmsd_angle.auth_comp_id_2 
_pdbx_validate_rmsd_angle.auth_seq_id_2 
_pdbx_validate_rmsd_angle.PDB_ins_code_2 
_pdbx_validate_rmsd_angle.label_alt_id_2 
_pdbx_validate_rmsd_angle.auth_atom_id_3 
_pdbx_validate_rmsd_angle.auth_asym_id_3 
_pdbx_validate_rmsd_angle.auth_comp_id_3 
_pdbx_validate_rmsd_angle.auth_seq_id_3 
_pdbx_validate_rmsd_angle.PDB_ins_code_3 
_pdbx_validate_rmsd_angle.label_alt_id_3 
_pdbx_validate_rmsd_angle.angle_value 
_pdbx_validate_rmsd_angle.angle_target_value 
_pdbx_validate_rmsd_angle.angle_deviation 
_pdbx_validate_rmsd_angle.angle_standard_deviation 
_pdbx_validate_rmsd_angle.linker_flag 
1 1 NE A ARG 513 ? ? CZ A ARG 513 ? ? NH1 A ARG 513 ? ? 113.50 120.30 -6.80 0.50 N 
2 1 CD A ARG 537 ? ? NE A ARG 537 ? ? CZ  A ARG 537 ? ? 144.26 123.60 20.66 1.40 N 
3 1 NE A ARG 537 ? ? CZ A ARG 537 ? ? NH1 A ARG 537 ? ? 124.66 120.30 4.36  0.50 N 
4 1 NE A ARG 537 ? ? CZ A ARG 537 ? ? NH2 A ARG 537 ? ? 116.81 120.30 -3.49 0.50 N 
5 1 CD A ARG 542 ? ? NE A ARG 542 ? ? CZ  A ARG 542 ? ? 132.49 123.60 8.89  1.40 N 
6 1 NE A ARG 542 ? ? CZ A ARG 542 ? ? NH1 A ARG 542 ? ? 126.14 120.30 5.84  0.50 N 
7 1 NE A ARG 542 ? ? CZ A ARG 542 ? ? NH2 A ARG 542 ? ? 115.08 120.30 -5.22 0.50 N 
# 
loop_
_pdbx_validate_torsion.id 
_pdbx_validate_torsion.PDB_model_num 
_pdbx_validate_torsion.auth_comp_id 
_pdbx_validate_torsion.auth_asym_id 
_pdbx_validate_torsion.auth_seq_id 
_pdbx_validate_torsion.PDB_ins_code 
_pdbx_validate_torsion.label_alt_id 
_pdbx_validate_torsion.phi 
_pdbx_validate_torsion.psi 
1 1 HIS A 505 ? ? -127.04 -56.21 
2 1 LEU A 561 ? ? -73.70  23.37  
3 1 ASP A 562 ? ? 177.94  94.97  
# 
loop_
_chem_comp_atom.comp_id 
_chem_comp_atom.atom_id 
_chem_comp_atom.type_symbol 
_chem_comp_atom.pdbx_aromatic_flag 
_chem_comp_atom.pdbx_stereo_config 
_chem_comp_atom.pdbx_ordinal 
ALA N    N N N 1   
ALA CA   C N S 2   
ALA C    C N N 3   
ALA O    O N N 4   
ALA CB   C N N 5   
ALA OXT  O N N 6   
ALA H    H N N 7   
ALA H2   H N N 8   
ALA HA   H N N 9   
ALA HB1  H N N 10  
ALA HB2  H N N 11  
ALA HB3  H N N 12  
ALA HXT  H N N 13  
ARG N    N N N 14  
ARG CA   C N S 15  
ARG C    C N N 16  
ARG O    O N N 17  
ARG CB   C N N 18  
ARG CG   C N N 19  
ARG CD   C N N 20  
ARG NE   N N N 21  
ARG CZ   C N N 22  
ARG NH1  N N N 23  
ARG NH2  N N N 24  
ARG OXT  O N N 25  
ARG H    H N N 26  
ARG H2   H N N 27  
ARG HA   H N N 28  
ARG HB2  H N N 29  
ARG HB3  H N N 30  
ARG HG2  H N N 31  
ARG HG3  H N N 32  
ARG HD2  H N N 33  
ARG HD3  H N N 34  
ARG HE   H N N 35  
ARG HH11 H N N 36  
ARG HH12 H N N 37  
ARG HH21 H N N 38  
ARG HH22 H N N 39  
ARG HXT  H N N 40  
ASN N    N N N 41  
ASN CA   C N S 42  
ASN C    C N N 43  
ASN O    O N N 44  
ASN CB   C N N 45  
ASN CG   C N N 46  
ASN OD1  O N N 47  
ASN ND2  N N N 48  
ASN OXT  O N N 49  
ASN H    H N N 50  
ASN H2   H N N 51  
ASN HA   H N N 52  
ASN HB2  H N N 53  
ASN HB3  H N N 54  
ASN HD21 H N N 55  
ASN HD22 H N N 56  
ASN HXT  H N N 57  
ASP N    N N N 58  
ASP CA   C N S 59  
ASP C    C N N 60  
ASP O    O N N 61  
ASP CB   C N N 62  
ASP CG   C N N 63  
ASP OD1  O N N 64  
ASP OD2  O N N 65  
ASP OXT  O N N 66  
ASP H    H N N 67  
ASP H2   H N N 68  
ASP HA   H N N 69  
ASP HB2  H N N 70  
ASP HB3  H N N 71  
ASP HD2  H N N 72  
ASP HXT  H N N 73  
CYS N    N N N 74  
CYS CA   C N R 75  
CYS C    C N N 76  
CYS O    O N N 77  
CYS CB   C N N 78  
CYS SG   S N N 79  
CYS OXT  O N N 80  
CYS H    H N N 81  
CYS H2   H N N 82  
CYS HA   H N N 83  
CYS HB2  H N N 84  
CYS HB3  H N N 85  
CYS HG   H N N 86  
CYS HXT  H N N 87  
GLN N    N N N 88  
GLN CA   C N S 89  
GLN C    C N N 90  
GLN O    O N N 91  
GLN CB   C N N 92  
GLN CG   C N N 93  
GLN CD   C N N 94  
GLN OE1  O N N 95  
GLN NE2  N N N 96  
GLN OXT  O N N 97  
GLN H    H N N 98  
GLN H2   H N N 99  
GLN HA   H N N 100 
GLN HB2  H N N 101 
GLN HB3  H N N 102 
GLN HG2  H N N 103 
GLN HG3  H N N 104 
GLN HE21 H N N 105 
GLN HE22 H N N 106 
GLN HXT  H N N 107 
GLU N    N N N 108 
GLU CA   C N S 109 
GLU C    C N N 110 
GLU O    O N N 111 
GLU CB   C N N 112 
GLU CG   C N N 113 
GLU CD   C N N 114 
GLU OE1  O N N 115 
GLU OE2  O N N 116 
GLU OXT  O N N 117 
GLU H    H N N 118 
GLU H2   H N N 119 
GLU HA   H N N 120 
GLU HB2  H N N 121 
GLU HB3  H N N 122 
GLU HG2  H N N 123 
GLU HG3  H N N 124 
GLU HE2  H N N 125 
GLU HXT  H N N 126 
GLY N    N N N 127 
GLY CA   C N N 128 
GLY C    C N N 129 
GLY O    O N N 130 
GLY OXT  O N N 131 
GLY H    H N N 132 
GLY H2   H N N 133 
GLY HA2  H N N 134 
GLY HA3  H N N 135 
GLY HXT  H N N 136 
HIS N    N N N 137 
HIS CA   C N S 138 
HIS C    C N N 139 
HIS O    O N N 140 
HIS CB   C N N 141 
HIS CG   C Y N 142 
HIS ND1  N Y N 143 
HIS CD2  C Y N 144 
HIS CE1  C Y N 145 
HIS NE2  N Y N 146 
HIS OXT  O N N 147 
HIS H    H N N 148 
HIS H2   H N N 149 
HIS HA   H N N 150 
HIS HB2  H N N 151 
HIS HB3  H N N 152 
HIS HD1  H N N 153 
HIS HD2  H N N 154 
HIS HE1  H N N 155 
HIS HE2  H N N 156 
HIS HXT  H N N 157 
HOH O    O N N 158 
HOH H1   H N N 159 
HOH H2   H N N 160 
ILE N    N N N 161 
ILE CA   C N S 162 
ILE C    C N N 163 
ILE O    O N N 164 
ILE CB   C N S 165 
ILE CG1  C N N 166 
ILE CG2  C N N 167 
ILE CD1  C N N 168 
ILE OXT  O N N 169 
ILE H    H N N 170 
ILE H2   H N N 171 
ILE HA   H N N 172 
ILE HB   H N N 173 
ILE HG12 H N N 174 
ILE HG13 H N N 175 
ILE HG21 H N N 176 
ILE HG22 H N N 177 
ILE HG23 H N N 178 
ILE HD11 H N N 179 
ILE HD12 H N N 180 
ILE HD13 H N N 181 
ILE HXT  H N N 182 
LEU N    N N N 183 
LEU CA   C N S 184 
LEU C    C N N 185 
LEU O    O N N 186 
LEU CB   C N N 187 
LEU CG   C N N 188 
LEU CD1  C N N 189 
LEU CD2  C N N 190 
LEU OXT  O N N 191 
LEU H    H N N 192 
LEU H2   H N N 193 
LEU HA   H N N 194 
LEU HB2  H N N 195 
LEU HB3  H N N 196 
LEU HG   H N N 197 
LEU HD11 H N N 198 
LEU HD12 H N N 199 
LEU HD13 H N N 200 
LEU HD21 H N N 201 
LEU HD22 H N N 202 
LEU HD23 H N N 203 
LEU HXT  H N N 204 
LYS N    N N N 205 
LYS CA   C N S 206 
LYS C    C N N 207 
LYS O    O N N 208 
LYS CB   C N N 209 
LYS CG   C N N 210 
LYS CD   C N N 211 
LYS CE   C N N 212 
LYS NZ   N N N 213 
LYS OXT  O N N 214 
LYS H    H N N 215 
LYS H2   H N N 216 
LYS HA   H N N 217 
LYS HB2  H N N 218 
LYS HB3  H N N 219 
LYS HG2  H N N 220 
LYS HG3  H N N 221 
LYS HD2  H N N 222 
LYS HD3  H N N 223 
LYS HE2  H N N 224 
LYS HE3  H N N 225 
LYS HZ1  H N N 226 
LYS HZ2  H N N 227 
LYS HZ3  H N N 228 
LYS HXT  H N N 229 
PHE N    N N N 230 
PHE CA   C N S 231 
PHE C    C N N 232 
PHE O    O N N 233 
PHE CB   C N N 234 
PHE CG   C Y N 235 
PHE CD1  C Y N 236 
PHE CD2  C Y N 237 
PHE CE1  C Y N 238 
PHE CE2  C Y N 239 
PHE CZ   C Y N 240 
PHE OXT  O N N 241 
PHE H    H N N 242 
PHE H2   H N N 243 
PHE HA   H N N 244 
PHE HB2  H N N 245 
PHE HB3  H N N 246 
PHE HD1  H N N 247 
PHE HD2  H N N 248 
PHE HE1  H N N 249 
PHE HE2  H N N 250 
PHE HZ   H N N 251 
PHE HXT  H N N 252 
PRO N    N N N 253 
PRO CA   C N S 254 
PRO C    C N N 255 
PRO O    O N N 256 
PRO CB   C N N 257 
PRO CG   C N N 258 
PRO CD   C N N 259 
PRO OXT  O N N 260 
PRO H    H N N 261 
PRO HA   H N N 262 
PRO HB2  H N N 263 
PRO HB3  H N N 264 
PRO HG2  H N N 265 
PRO HG3  H N N 266 
PRO HD2  H N N 267 
PRO HD3  H N N 268 
PRO HXT  H N N 269 
SER N    N N N 270 
SER CA   C N S 271 
SER C    C N N 272 
SER O    O N N 273 
SER CB   C N N 274 
SER OG   O N N 275 
SER OXT  O N N 276 
SER H    H N N 277 
SER H2   H N N 278 
SER HA   H N N 279 
SER HB2  H N N 280 
SER HB3  H N N 281 
SER HG   H N N 282 
SER HXT  H N N 283 
THR N    N N N 284 
THR CA   C N S 285 
THR C    C N N 286 
THR O    O N N 287 
THR CB   C N R 288 
THR OG1  O N N 289 
THR CG2  C N N 290 
THR OXT  O N N 291 
THR H    H N N 292 
THR H2   H N N 293 
THR HA   H N N 294 
THR HB   H N N 295 
THR HG1  H N N 296 
THR HG21 H N N 297 
THR HG22 H N N 298 
THR HG23 H N N 299 
THR HXT  H N N 300 
TYR N    N N N 301 
TYR CA   C N S 302 
TYR C    C N N 303 
TYR O    O N N 304 
TYR CB   C N N 305 
TYR CG   C Y N 306 
TYR CD1  C Y N 307 
TYR CD2  C Y N 308 
TYR CE1  C Y N 309 
TYR CE2  C Y N 310 
TYR CZ   C Y N 311 
TYR OH   O N N 312 
TYR OXT  O N N 313 
TYR H    H N N 314 
TYR H2   H N N 315 
TYR HA   H N N 316 
TYR HB2  H N N 317 
TYR HB3  H N N 318 
TYR HD1  H N N 319 
TYR HD2  H N N 320 
TYR HE1  H N N 321 
TYR HE2  H N N 322 
TYR HH   H N N 323 
TYR HXT  H N N 324 
VAL N    N N N 325 
VAL CA   C N S 326 
VAL C    C N N 327 
VAL O    O N N 328 
VAL CB   C N N 329 
VAL CG1  C N N 330 
VAL CG2  C N N 331 
VAL OXT  O N N 332 
VAL H    H N N 333 
VAL H2   H N N 334 
VAL HA   H N N 335 
VAL HB   H N N 336 
VAL HG11 H N N 337 
VAL HG12 H N N 338 
VAL HG13 H N N 339 
VAL HG21 H N N 340 
VAL HG22 H N N 341 
VAL HG23 H N N 342 
VAL HXT  H N N 343 
# 
loop_
_chem_comp_bond.comp_id 
_chem_comp_bond.atom_id_1 
_chem_comp_bond.atom_id_2 
_chem_comp_bond.value_order 
_chem_comp_bond.pdbx_aromatic_flag 
_chem_comp_bond.pdbx_stereo_config 
_chem_comp_bond.pdbx_ordinal 
ALA N   CA   sing N N 1   
ALA N   H    sing N N 2   
ALA N   H2   sing N N 3   
ALA CA  C    sing N N 4   
ALA CA  CB   sing N N 5   
ALA CA  HA   sing N N 6   
ALA C   O    doub N N 7   
ALA C   OXT  sing N N 8   
ALA CB  HB1  sing N N 9   
ALA CB  HB2  sing N N 10  
ALA CB  HB3  sing N N 11  
ALA OXT HXT  sing N N 12  
ARG N   CA   sing N N 13  
ARG N   H    sing N N 14  
ARG N   H2   sing N N 15  
ARG CA  C    sing N N 16  
ARG CA  CB   sing N N 17  
ARG CA  HA   sing N N 18  
ARG C   O    doub N N 19  
ARG C   OXT  sing N N 20  
ARG CB  CG   sing N N 21  
ARG CB  HB2  sing N N 22  
ARG CB  HB3  sing N N 23  
ARG CG  CD   sing N N 24  
ARG CG  HG2  sing N N 25  
ARG CG  HG3  sing N N 26  
ARG CD  NE   sing N N 27  
ARG CD  HD2  sing N N 28  
ARG CD  HD3  sing N N 29  
ARG NE  CZ   sing N N 30  
ARG NE  HE   sing N N 31  
ARG CZ  NH1  sing N N 32  
ARG CZ  NH2  doub N N 33  
ARG NH1 HH11 sing N N 34  
ARG NH1 HH12 sing N N 35  
ARG NH2 HH21 sing N N 36  
ARG NH2 HH22 sing N N 37  
ARG OXT HXT  sing N N 38  
ASN N   CA   sing N N 39  
ASN N   H    sing N N 40  
ASN N   H2   sing N N 41  
ASN CA  C    sing N N 42  
ASN CA  CB   sing N N 43  
ASN CA  HA   sing N N 44  
ASN C   O    doub N N 45  
ASN C   OXT  sing N N 46  
ASN CB  CG   sing N N 47  
ASN CB  HB2  sing N N 48  
ASN CB  HB3  sing N N 49  
ASN CG  OD1  doub N N 50  
ASN CG  ND2  sing N N 51  
ASN ND2 HD21 sing N N 52  
ASN ND2 HD22 sing N N 53  
ASN OXT HXT  sing N N 54  
ASP N   CA   sing N N 55  
ASP N   H    sing N N 56  
ASP N   H2   sing N N 57  
ASP CA  C    sing N N 58  
ASP CA  CB   sing N N 59  
ASP CA  HA   sing N N 60  
ASP C   O    doub N N 61  
ASP C   OXT  sing N N 62  
ASP CB  CG   sing N N 63  
ASP CB  HB2  sing N N 64  
ASP CB  HB3  sing N N 65  
ASP CG  OD1  doub N N 66  
ASP CG  OD2  sing N N 67  
ASP OD2 HD2  sing N N 68  
ASP OXT HXT  sing N N 69  
CYS N   CA   sing N N 70  
CYS N   H    sing N N 71  
CYS N   H2   sing N N 72  
CYS CA  C    sing N N 73  
CYS CA  CB   sing N N 74  
CYS CA  HA   sing N N 75  
CYS C   O    doub N N 76  
CYS C   OXT  sing N N 77  
CYS CB  SG   sing N N 78  
CYS CB  HB2  sing N N 79  
CYS CB  HB3  sing N N 80  
CYS SG  HG   sing N N 81  
CYS OXT HXT  sing N N 82  
GLN N   CA   sing N N 83  
GLN N   H    sing N N 84  
GLN N   H2   sing N N 85  
GLN CA  C    sing N N 86  
GLN CA  CB   sing N N 87  
GLN CA  HA   sing N N 88  
GLN C   O    doub N N 89  
GLN C   OXT  sing N N 90  
GLN CB  CG   sing N N 91  
GLN CB  HB2  sing N N 92  
GLN CB  HB3  sing N N 93  
GLN CG  CD   sing N N 94  
GLN CG  HG2  sing N N 95  
GLN CG  HG3  sing N N 96  
GLN CD  OE1  doub N N 97  
GLN CD  NE2  sing N N 98  
GLN NE2 HE21 sing N N 99  
GLN NE2 HE22 sing N N 100 
GLN OXT HXT  sing N N 101 
GLU N   CA   sing N N 102 
GLU N   H    sing N N 103 
GLU N   H2   sing N N 104 
GLU CA  C    sing N N 105 
GLU CA  CB   sing N N 106 
GLU CA  HA   sing N N 107 
GLU C   O    doub N N 108 
GLU C   OXT  sing N N 109 
GLU CB  CG   sing N N 110 
GLU CB  HB2  sing N N 111 
GLU CB  HB3  sing N N 112 
GLU CG  CD   sing N N 113 
GLU CG  HG2  sing N N 114 
GLU CG  HG3  sing N N 115 
GLU CD  OE1  doub N N 116 
GLU CD  OE2  sing N N 117 
GLU OE2 HE2  sing N N 118 
GLU OXT HXT  sing N N 119 
GLY N   CA   sing N N 120 
GLY N   H    sing N N 121 
GLY N   H2   sing N N 122 
GLY CA  C    sing N N 123 
GLY CA  HA2  sing N N 124 
GLY CA  HA3  sing N N 125 
GLY C   O    doub N N 126 
GLY C   OXT  sing N N 127 
GLY OXT HXT  sing N N 128 
HIS N   CA   sing N N 129 
HIS N   H    sing N N 130 
HIS N   H2   sing N N 131 
HIS CA  C    sing N N 132 
HIS CA  CB   sing N N 133 
HIS CA  HA   sing N N 134 
HIS C   O    doub N N 135 
HIS C   OXT  sing N N 136 
HIS CB  CG   sing N N 137 
HIS CB  HB2  sing N N 138 
HIS CB  HB3  sing N N 139 
HIS CG  ND1  sing Y N 140 
HIS CG  CD2  doub Y N 141 
HIS ND1 CE1  doub Y N 142 
HIS ND1 HD1  sing N N 143 
HIS CD2 NE2  sing Y N 144 
HIS CD2 HD2  sing N N 145 
HIS CE1 NE2  sing Y N 146 
HIS CE1 HE1  sing N N 147 
HIS NE2 HE2  sing N N 148 
HIS OXT HXT  sing N N 149 
HOH O   H1   sing N N 150 
HOH O   H2   sing N N 151 
ILE N   CA   sing N N 152 
ILE N   H    sing N N 153 
ILE N   H2   sing N N 154 
ILE CA  C    sing N N 155 
ILE CA  CB   sing N N 156 
ILE CA  HA   sing N N 157 
ILE C   O    doub N N 158 
ILE C   OXT  sing N N 159 
ILE CB  CG1  sing N N 160 
ILE CB  CG2  sing N N 161 
ILE CB  HB   sing N N 162 
ILE CG1 CD1  sing N N 163 
ILE CG1 HG12 sing N N 164 
ILE CG1 HG13 sing N N 165 
ILE CG2 HG21 sing N N 166 
ILE CG2 HG22 sing N N 167 
ILE CG2 HG23 sing N N 168 
ILE CD1 HD11 sing N N 169 
ILE CD1 HD12 sing N N 170 
ILE CD1 HD13 sing N N 171 
ILE OXT HXT  sing N N 172 
LEU N   CA   sing N N 173 
LEU N   H    sing N N 174 
LEU N   H2   sing N N 175 
LEU CA  C    sing N N 176 
LEU CA  CB   sing N N 177 
LEU CA  HA   sing N N 178 
LEU C   O    doub N N 179 
LEU C   OXT  sing N N 180 
LEU CB  CG   sing N N 181 
LEU CB  HB2  sing N N 182 
LEU CB  HB3  sing N N 183 
LEU CG  CD1  sing N N 184 
LEU CG  CD2  sing N N 185 
LEU CG  HG   sing N N 186 
LEU CD1 HD11 sing N N 187 
LEU CD1 HD12 sing N N 188 
LEU CD1 HD13 sing N N 189 
LEU CD2 HD21 sing N N 190 
LEU CD2 HD22 sing N N 191 
LEU CD2 HD23 sing N N 192 
LEU OXT HXT  sing N N 193 
LYS N   CA   sing N N 194 
LYS N   H    sing N N 195 
LYS N   H2   sing N N 196 
LYS CA  C    sing N N 197 
LYS CA  CB   sing N N 198 
LYS CA  HA   sing N N 199 
LYS C   O    doub N N 200 
LYS C   OXT  sing N N 201 
LYS CB  CG   sing N N 202 
LYS CB  HB2  sing N N 203 
LYS CB  HB3  sing N N 204 
LYS CG  CD   sing N N 205 
LYS CG  HG2  sing N N 206 
LYS CG  HG3  sing N N 207 
LYS CD  CE   sing N N 208 
LYS CD  HD2  sing N N 209 
LYS CD  HD3  sing N N 210 
LYS CE  NZ   sing N N 211 
LYS CE  HE2  sing N N 212 
LYS CE  HE3  sing N N 213 
LYS NZ  HZ1  sing N N 214 
LYS NZ  HZ2  sing N N 215 
LYS NZ  HZ3  sing N N 216 
LYS OXT HXT  sing N N 217 
PHE N   CA   sing N N 218 
PHE N   H    sing N N 219 
PHE N   H2   sing N N 220 
PHE CA  C    sing N N 221 
PHE CA  CB   sing N N 222 
PHE CA  HA   sing N N 223 
PHE C   O    doub N N 224 
PHE C   OXT  sing N N 225 
PHE CB  CG   sing N N 226 
PHE CB  HB2  sing N N 227 
PHE CB  HB3  sing N N 228 
PHE CG  CD1  doub Y N 229 
PHE CG  CD2  sing Y N 230 
PHE CD1 CE1  sing Y N 231 
PHE CD1 HD1  sing N N 232 
PHE CD2 CE2  doub Y N 233 
PHE CD2 HD2  sing N N 234 
PHE CE1 CZ   doub Y N 235 
PHE CE1 HE1  sing N N 236 
PHE CE2 CZ   sing Y N 237 
PHE CE2 HE2  sing N N 238 
PHE CZ  HZ   sing N N 239 
PHE OXT HXT  sing N N 240 
PRO N   CA   sing N N 241 
PRO N   CD   sing N N 242 
PRO N   H    sing N N 243 
PRO CA  C    sing N N 244 
PRO CA  CB   sing N N 245 
PRO CA  HA   sing N N 246 
PRO C   O    doub N N 247 
PRO C   OXT  sing N N 248 
PRO CB  CG   sing N N 249 
PRO CB  HB2  sing N N 250 
PRO CB  HB3  sing N N 251 
PRO CG  CD   sing N N 252 
PRO CG  HG2  sing N N 253 
PRO CG  HG3  sing N N 254 
PRO CD  HD2  sing N N 255 
PRO CD  HD3  sing N N 256 
PRO OXT HXT  sing N N 257 
SER N   CA   sing N N 258 
SER N   H    sing N N 259 
SER N   H2   sing N N 260 
SER CA  C    sing N N 261 
SER CA  CB   sing N N 262 
SER CA  HA   sing N N 263 
SER C   O    doub N N 264 
SER C   OXT  sing N N 265 
SER CB  OG   sing N N 266 
SER CB  HB2  sing N N 267 
SER CB  HB3  sing N N 268 
SER OG  HG   sing N N 269 
SER OXT HXT  sing N N 270 
THR N   CA   sing N N 271 
THR N   H    sing N N 272 
THR N   H2   sing N N 273 
THR CA  C    sing N N 274 
THR CA  CB   sing N N 275 
THR CA  HA   sing N N 276 
THR C   O    doub N N 277 
THR C   OXT  sing N N 278 
THR CB  OG1  sing N N 279 
THR CB  CG2  sing N N 280 
THR CB  HB   sing N N 281 
THR OG1 HG1  sing N N 282 
THR CG2 HG21 sing N N 283 
THR CG2 HG22 sing N N 284 
THR CG2 HG23 sing N N 285 
THR OXT HXT  sing N N 286 
TYR N   CA   sing N N 287 
TYR N   H    sing N N 288 
TYR N   H2   sing N N 289 
TYR CA  C    sing N N 290 
TYR CA  CB   sing N N 291 
TYR CA  HA   sing N N 292 
TYR C   O    doub N N 293 
TYR C   OXT  sing N N 294 
TYR CB  CG   sing N N 295 
TYR CB  HB2  sing N N 296 
TYR CB  HB3  sing N N 297 
TYR CG  CD1  doub Y N 298 
TYR CG  CD2  sing Y N 299 
TYR CD1 CE1  sing Y N 300 
TYR CD1 HD1  sing N N 301 
TYR CD2 CE2  doub Y N 302 
TYR CD2 HD2  sing N N 303 
TYR CE1 CZ   doub Y N 304 
TYR CE1 HE1  sing N N 305 
TYR CE2 CZ   sing Y N 306 
TYR CE2 HE2  sing N N 307 
TYR CZ  OH   sing N N 308 
TYR OH  HH   sing N N 309 
TYR OXT HXT  sing N N 310 
VAL N   CA   sing N N 311 
VAL N   H    sing N N 312 
VAL N   H2   sing N N 313 
VAL CA  C    sing N N 314 
VAL CA  CB   sing N N 315 
VAL CA  HA   sing N N 316 
VAL C   O    doub N N 317 
VAL C   OXT  sing N N 318 
VAL CB  CG1  sing N N 319 
VAL CB  CG2  sing N N 320 
VAL CB  HB   sing N N 321 
VAL CG1 HG11 sing N N 322 
VAL CG1 HG12 sing N N 323 
VAL CG1 HG13 sing N N 324 
VAL CG2 HG21 sing N N 325 
VAL CG2 HG22 sing N N 326 
VAL CG2 HG23 sing N N 327 
VAL OXT HXT  sing N N 328 
# 
_atom_sites.entry_id                    1QZM 
_atom_sites.fract_transf_matrix[1][1]   0.00341385 
_atom_sites.fract_transf_matrix[1][2]   -0.00742839 
_atom_sites.fract_transf_matrix[1][3]   -0.01992612 
_atom_sites.fract_transf_matrix[2][1]   0.02059845 
_atom_sites.fract_transf_matrix[2][2]   0.00617091 
_atom_sites.fract_transf_matrix[2][3]   0.00122854 
_atom_sites.fract_transf_matrix[3][1]   0.00288023 
_atom_sites.fract_transf_matrix[3][2]   -0.01049104 
_atom_sites.fract_transf_matrix[3][3]   0.00440448 
_atom_sites.fract_transf_vector[1]      0.218852 
_atom_sites.fract_transf_vector[2]      0.179148 
_atom_sites.fract_transf_vector[3]      0.220482 
# 
loop_
_atom_type.symbol 
C 
N 
O 
S 
# 
loop_
_atom_site.group_PDB 
_atom_site.id 
_atom_site.type_symbol 
_atom_site.label_atom_id 
_atom_site.label_alt_id 
_atom_site.label_comp_id 
_atom_site.label_asym_id 
_atom_site.label_entity_id 
_atom_site.label_seq_id 
_atom_site.pdbx_PDB_ins_code 
_atom_site.Cartn_x 
_atom_site.Cartn_y 
_atom_site.Cartn_z 
_atom_site.occupancy 
_atom_site.B_iso_or_equiv 
_atom_site.pdbx_formal_charge 
_atom_site.auth_seq_id 
_atom_site.auth_comp_id 
_atom_site.auth_asym_id 
_atom_site.auth_atom_id 
_atom_site.pdbx_PDB_model_num 
ATOM   1   N N   . SER A 1 1  ? -8.855  19.088  -13.051 1.00 33.58  ? 491  SER A N   1 
ATOM   2   C CA  . SER A 1 1  ? -8.051  19.035  -11.855 1.00 43.73  ? 491  SER A CA  1 
ATOM   3   C C   . SER A 1 1  ? -7.929  17.647  -11.213 1.00 42.66  ? 491  SER A C   1 
ATOM   4   O O   . SER A 1 1  ? -8.577  16.643  -11.466 1.00 31.77  ? 491  SER A O   1 
ATOM   5   C CB  . SER A 1 1  ? -8.505  20.061  -10.823 1.00 33.67  ? 491  SER A CB  1 
ATOM   6   O OG  . SER A 1 1  ? -7.311  20.472  -10.172 1.00 66.18  ? 491  SER A OG  1 
ATOM   7   N N   . GLY A 1 2  ? -6.909  17.643  -10.332 1.00 26.92  ? 492  GLY A N   1 
ATOM   8   C CA  . GLY A 1 2  ? -6.452  16.399  -9.769  1.00 27.22  ? 492  GLY A CA  1 
ATOM   9   C C   . GLY A 1 2  ? -7.432  15.633  -8.935  1.00 24.00  ? 492  GLY A C   1 
ATOM   10  O O   . GLY A 1 2  ? -8.430  16.132  -8.436  1.00 25.17  ? 492  GLY A O   1 
ATOM   11  N N   . TYR A 1 3  ? -7.077  14.338  -8.777  1.00 25.36  ? 493  TYR A N   1 
ATOM   12  C CA  . TYR A 1 3  ? -7.995  13.574  -7.925  1.00 22.21  ? 493  TYR A CA  1 
ATOM   13  C C   . TYR A 1 3  ? -8.148  14.117  -6.528  1.00 22.85  ? 493  TYR A C   1 
ATOM   14  O O   . TYR A 1 3  ? -7.205  14.611  -5.905  1.00 27.12  ? 493  TYR A O   1 
ATOM   15  C CB  . TYR A 1 3  ? -7.395  12.177  -7.758  1.00 23.30  ? 493  TYR A CB  1 
ATOM   16  C CG  . TYR A 1 3  ? -7.353  11.464  -9.086  1.00 19.33  ? 493  TYR A CG  1 
ATOM   17  C CD1 . TYR A 1 3  ? -8.545  11.262  -9.781  1.00 27.68  ? 493  TYR A CD1 1 
ATOM   18  C CD2 . TYR A 1 3  ? -6.162  11.002  -9.573  1.00 20.86  ? 493  TYR A CD2 1 
ATOM   19  C CE1 . TYR A 1 3  ? -8.506  10.595  -10.997 1.00 31.79  ? 493  TYR A CE1 1 
ATOM   20  C CE2 . TYR A 1 3  ? -6.121  10.326  -10.804 1.00 27.12  ? 493  TYR A CE2 1 
ATOM   21  C CZ  . TYR A 1 3  ? -7.297  10.128  -11.500 1.00 34.91  ? 493  TYR A CZ  1 
ATOM   22  O OH  . TYR A 1 3  ? -7.252  9.475   -12.712 1.00 23.73  ? 493  TYR A OH  1 
ATOM   23  N N   . THR A 1 4  ? -9.327  13.996  -5.943  1.00 24.19  ? 494  THR A N   1 
ATOM   24  C CA  . THR A 1 4  ? -9.379  14.316  -4.522  1.00 18.82  ? 494  THR A CA  1 
ATOM   25  C C   . THR A 1 4  ? -8.776  13.157  -3.757  1.00 25.53  ? 494  THR A C   1 
ATOM   26  O O   . THR A 1 4  ? -8.538  12.100  -4.380  1.00 32.83  ? 494  THR A O   1 
ATOM   27  C CB  . THR A 1 4  ? -10.833 14.475  -4.052  1.00 22.48  ? 494  THR A CB  1 
ATOM   28  O OG1 . THR A 1 4  ? -11.484 13.204  -4.330  1.00 31.03  ? 494  THR A OG1 1 
ATOM   29  C CG2 . THR A 1 4  ? -11.599 15.588  -4.778  1.00 19.96  ? 494  THR A CG2 1 
ATOM   30  N N   . GLU A 1 5  ? -8.562  13.246  -2.456  1.00 33.07  ? 495  GLU A N   1 
ATOM   31  C CA  . GLU A 1 5  ? -8.112  12.047  -1.735  1.00 29.37  ? 495  GLU A CA  1 
ATOM   32  C C   . GLU A 1 5  ? -9.197  10.981  -1.742  1.00 30.22  ? 495  GLU A C   1 
ATOM   33  O O   . GLU A 1 5  ? -8.823  9.818   -1.784  1.00 30.47  ? 495  GLU A O   1 
ATOM   34  C CB  . GLU A 1 5  ? -7.822  12.291  -0.269  1.00 40.51  ? 495  GLU A CB  1 
ATOM   35  C CG  . GLU A 1 5  ? -6.493  12.883  0.089   1.00 47.61  ? 495  GLU A CG  1 
ATOM   36  C CD  . GLU A 1 5  ? -6.401  13.141  1.596   1.00 45.30  ? 495  GLU A CD  1 
ATOM   37  O OE1 . GLU A 1 5  ? -7.392  13.071  2.348   1.00 36.78  ? 495  GLU A OE1 1 
ATOM   38  O OE2 . GLU A 1 5  ? -5.233  13.412  1.943   1.00 33.56  ? 495  GLU A OE2 1 
ATOM   39  N N   . ASP A 1 6  ? -10.486 11.352  -1.677  1.00 27.00  ? 496  ASP A N   1 
ATOM   40  C CA  . ASP A 1 6  ? -11.475 10.259  -1.727  1.00 29.82  ? 496  ASP A CA  1 
ATOM   41  C C   . ASP A 1 6  ? -11.317 9.551   -3.069  1.00 23.70  ? 496  ASP A C   1 
ATOM   42  O O   . ASP A 1 6  ? -11.357 8.339   -3.157  1.00 32.33  ? 496  ASP A O   1 
ATOM   43  C CB  . ASP A 1 6  ? -12.908 10.773  -1.580  1.00 32.66  ? 496  ASP A CB  1 
ATOM   44  C CG  . ASP A 1 6  ? -13.922 9.715   -1.180  1.00 50.32  ? 496  ASP A CG  1 
ATOM   45  O OD1 . ASP A 1 6  ? -13.829 9.244   -0.018  1.00 61.06  ? 496  ASP A OD1 1 
ATOM   46  O OD2 . ASP A 1 6  ? -14.824 9.311   -1.970  1.00 47.17  ? 496  ASP A OD2 1 
ATOM   47  N N   . GLU A 1 7  ? -11.119 10.349  -4.130  1.00 23.37  ? 497  GLU A N   1 
ATOM   48  C CA  . GLU A 1 7  ? -11.007 9.690   -5.433  1.00 24.27  ? 497  GLU A CA  1 
ATOM   49  C C   . GLU A 1 7  ? -9.873  8.676   -5.506  1.00 25.29  ? 497  GLU A C   1 
ATOM   50  O O   . GLU A 1 7  ? -9.960  7.563   -6.014  1.00 22.20  ? 497  GLU A O   1 
ATOM   51  C CB  . GLU A 1 7  ? -10.823 10.723  -6.573  1.00 21.77  ? 497  GLU A CB  1 
ATOM   52  C CG  . GLU A 1 7  ? -12.192 11.312  -6.900  1.00 21.29  ? 497  GLU A CG  1 
ATOM   53  C CD  . GLU A 1 7  ? -12.129 12.557  -7.759  1.00 29.68  ? 497  GLU A CD  1 
ATOM   54  O OE1 . GLU A 1 7  ? -11.088 13.227  -7.802  1.00 29.58  ? 497  GLU A OE1 1 
ATOM   55  O OE2 . GLU A 1 7  ? -13.197 12.811  -8.358  1.00 29.52  ? 497  GLU A OE2 1 
ATOM   56  N N   . LYS A 1 8  ? -8.726  9.090   -4.974  1.00 29.98  ? 498  LYS A N   1 
ATOM   57  C CA  . LYS A 1 8  ? -7.509  8.284   -5.016  1.00 28.15  ? 498  LYS A CA  1 
ATOM   58  C C   . LYS A 1 8  ? -7.678  7.010   -4.208  1.00 20.54  ? 498  LYS A C   1 
ATOM   59  O O   . LYS A 1 8  ? -7.175  5.939   -4.467  1.00 24.22  ? 498  LYS A O   1 
ATOM   60  C CB  . LYS A 1 8  ? -6.338  9.147   -4.498  1.00 29.43  ? 498  LYS A CB  1 
ATOM   61  C CG  . LYS A 1 8  ? -5.788  10.282  -5.328  1.00 22.31  ? 498  LYS A CG  1 
ATOM   62  C CD  . LYS A 1 8  ? -4.573  10.953  -4.646  1.00 20.05  ? 498  LYS A CD  1 
ATOM   63  C CE  . LYS A 1 8  ? -3.993  11.971  -5.617  1.00 23.21  ? 498  LYS A CE  1 
ATOM   64  N NZ  . LYS A 1 8  ? -2.752  12.586  -5.109  1.00 23.81  ? 498  LYS A NZ  1 
ATOM   65  N N   . LEU A 1 9  ? -8.449  7.196   -3.119  1.00 24.25  ? 499  LEU A N   1 
ATOM   66  C CA  . LEU A 1 9  ? -8.680  6.065   -2.229  1.00 26.29  ? 499  LEU A CA  1 
ATOM   67  C C   . LEU A 1 9  ? -9.557  5.041   -2.921  1.00 29.07  ? 499  LEU A C   1 
ATOM   68  O O   . LEU A 1 9  ? -9.386  3.847   -2.734  1.00 32.25  ? 499  LEU A O   1 
ATOM   69  C CB  . LEU A 1 9  ? -9.363  6.541   -0.929  1.00 21.66  ? 499  LEU A CB  1 
ATOM   70  C CG  . LEU A 1 9  ? -9.890  5.431   -0.022  1.00 32.73  ? 499  LEU A CG  1 
ATOM   71  C CD1 . LEU A 1 9  ? -8.757  4.516   0.469   1.00 22.72  ? 499  LEU A CD1 1 
ATOM   72  C CD2 . LEU A 1 9  ? -10.665 6.110   1.105   1.00 33.45  ? 499  LEU A CD2 1 
ATOM   73  N N   . ASN A 1 10 ? -10.507 5.544   -3.714  1.00 20.61  ? 500  ASN A N   1 
ATOM   74  C CA  . ASN A 1 10 ? -11.365 4.592   -4.384  1.00 19.33  ? 500  ASN A CA  1 
ATOM   75  C C   . ASN A 1 10 ? -10.645 3.854   -5.499  1.00 20.74  ? 500  ASN A C   1 
ATOM   76  O O   . ASN A 1 10 ? -10.871 2.667   -5.777  1.00 29.27  ? 500  ASN A O   1 
ATOM   77  C CB  . ASN A 1 10 ? -12.572 5.339   -4.972  1.00 24.76  ? 500  ASN A CB  1 
ATOM   78  C CG  . ASN A 1 10 ? -13.639 5.650   -3.930  1.00 39.65  ? 500  ASN A CG  1 
ATOM   79  O OD1 . ASN A 1 10 ? -14.540 6.493   -4.118  1.00 37.48  ? 500  ASN A OD1 1 
ATOM   80  N ND2 . ASN A 1 10 ? -13.534 4.976   -2.778  1.00 29.14  ? 500  ASN A ND2 1 
ATOM   81  N N   . ILE A 1 11 ? -9.757  4.606   -6.142  1.00 24.87  ? 501  ILE A N   1 
ATOM   82  C CA  . ILE A 1 11 ? -8.966  3.975   -7.228  1.00 24.50  ? 501  ILE A CA  1 
ATOM   83  C C   . ILE A 1 11 ? -7.996  2.969   -6.644  1.00 23.86  ? 501  ILE A C   1 
ATOM   84  O O   . ILE A 1 11 ? -7.742  1.891   -7.186  1.00 27.66  ? 501  ILE A O   1 
ATOM   85  C CB  . ILE A 1 11 ? -8.243  5.078   -8.025  1.00 28.77  ? 501  ILE A CB  1 
ATOM   86  C CG1 . ILE A 1 11 ? -9.190  5.857   -8.942  1.00 25.27  ? 501  ILE A CG1 1 
ATOM   87  C CG2 . ILE A 1 11 ? -7.069  4.555   -8.850  1.00 26.60  ? 501  ILE A CG2 1 
ATOM   88  C CD1 . ILE A 1 11 ? -8.510  7.097   -9.509  1.00 27.25  ? 501  ILE A CD1 1 
ATOM   89  N N   . ALA A 1 12 ? -7.438  3.316   -5.472  1.00 21.65  ? 502  ALA A N   1 
ATOM   90  C CA  . ALA A 1 12 ? -6.484  2.399   -4.838  1.00 23.33  ? 502  ALA A CA  1 
ATOM   91  C C   . ALA A 1 12 ? -7.178  1.126   -4.394  1.00 24.61  ? 502  ALA A C   1 
ATOM   92  O O   . ALA A 1 12 ? -6.701  -0.019  -4.557  1.00 26.38  ? 502  ALA A O   1 
ATOM   93  C CB  . ALA A 1 12 ? -5.834  3.108   -3.656  1.00 18.90  ? 502  ALA A CB  1 
ATOM   94  N N   . LYS A 1 13 ? -8.351  1.329   -3.778  1.00 25.55  ? 503  LYS A N   1 
ATOM   95  C CA  . LYS A 1 13 ? -9.157  0.204   -3.308  1.00 33.54  ? 503  LYS A CA  1 
ATOM   96  C C   . LYS A 1 13 ? -9.705  -0.699  -4.400  1.00 35.53  ? 503  LYS A C   1 
ATOM   97  O O   . LYS A 1 13 ? -9.676  -1.926  -4.249  1.00 28.05  ? 503  LYS A O   1 
ATOM   98  C CB  . LYS A 1 13 ? -10.330 0.757   -2.496  1.00 32.80  ? 503  LYS A CB  1 
ATOM   99  C CG  . LYS A 1 13 ? -9.876  1.172   -1.112  1.00 32.22  ? 503  LYS A CG  1 
ATOM   100 C CD  . LYS A 1 13 ? -11.008 1.737   -0.296  1.00 41.95  ? 503  LYS A CD  1 
ATOM   101 C CE  . LYS A 1 13 ? -11.613 0.710   0.649   1.00 45.11  ? 503  LYS A CE  1 
ATOM   102 N NZ  . LYS A 1 13 ? -12.760 1.377   1.361   1.00 63.58  ? 503  LYS A NZ  1 
ATOM   103 N N   . ARG A 1 14 ? -10.173 -0.114  -5.501  1.00 30.25  ? 504  ARG A N   1 
ATOM   104 C CA  . ARG A 1 14 ? -10.705 -0.983  -6.550  1.00 35.23  ? 504  ARG A CA  1 
ATOM   105 C C   . ARG A 1 14 ? -9.713  -1.550  -7.540  1.00 34.28  ? 504  ARG A C   1 
ATOM   106 O O   . ARG A 1 14 ? -9.886  -2.594  -8.183  1.00 34.54  ? 504  ARG A O   1 
ATOM   107 C CB  . ARG A 1 14 ? -11.726 -0.090  -7.296  1.00 33.87  ? 504  ARG A CB  1 
ATOM   108 C CG  . ARG A 1 14 ? -12.920 0.175   -6.388  1.00 32.58  ? 504  ARG A CG  1 
ATOM   109 C CD  . ARG A 1 14 ? -14.114 0.315   -7.315  1.00 36.16  ? 504  ARG A CD  1 
ATOM   110 N NE  . ARG A 1 14 ? -14.776 -0.915  -7.665  1.00 32.02  ? 504  ARG A NE  1 
ATOM   111 C CZ  . ARG A 1 14 ? -15.387 -1.198  -8.797  1.00 41.37  ? 504  ARG A CZ  1 
ATOM   112 N NH1 . ARG A 1 14 ? -15.439 -0.340  -9.800  1.00 37.08  ? 504  ARG A NH1 1 
ATOM   113 N NH2 . ARG A 1 14 ? -15.973 -2.381  -8.992  1.00 31.78  ? 504  ARG A NH2 1 
ATOM   114 N N   . HIS A 1 15 ? -8.606  -0.840  -7.746  1.00 28.07  ? 505  HIS A N   1 
ATOM   115 C CA  . HIS A 1 15 ? -7.651  -1.275  -8.742  1.00 27.91  ? 505  HIS A CA  1 
ATOM   116 C C   . HIS A 1 15 ? -6.228  -1.406  -8.223  1.00 31.55  ? 505  HIS A C   1 
ATOM   117 O O   . HIS A 1 15 ? -5.692  -2.501  -8.425  1.00 35.05  ? 505  HIS A O   1 
ATOM   118 C CB  . HIS A 1 15 ? -7.633  -0.277  -9.925  1.00 27.37  ? 505  HIS A CB  1 
ATOM   119 C CG  . HIS A 1 15 ? -8.985  0.216   -10.296 1.00 55.00  ? 505  HIS A CG  1 
ATOM   120 N ND1 . HIS A 1 15 ? -9.939  -0.613  -10.865 1.00 68.84  ? 505  HIS A ND1 1 
ATOM   121 C CD2 . HIS A 1 15 ? -9.578  1.425   -10.176 1.00 62.95  ? 505  HIS A CD2 1 
ATOM   122 C CE1 . HIS A 1 15 ? -11.057 0.063   -11.089 1.00 66.18  ? 505  HIS A CE1 1 
ATOM   123 N NE2 . HIS A 1 15 ? -10.856 1.300   -10.680 1.00 66.27  ? 505  HIS A NE2 1 
ATOM   124 N N   . LEU A 1 16 ? -5.684  -0.311  -7.654  1.00 26.24  ? 506  LEU A N   1 
ATOM   125 C CA  . LEU A 1 16 ? -4.245  -0.372  -7.401  1.00 23.05  ? 506  LEU A CA  1 
ATOM   126 C C   . LEU A 1 16 ? -3.923  -1.526  -6.490  1.00 25.47  ? 506  LEU A C   1 
ATOM   127 O O   . LEU A 1 16 ? -2.956  -2.290  -6.652  1.00 28.33  ? 506  LEU A O   1 
ATOM   128 C CB  . LEU A 1 16 ? -3.685  0.954   -6.834  1.00 22.55  ? 506  LEU A CB  1 
ATOM   129 C CG  . LEU A 1 16 ? -4.104  2.179   -7.663  1.00 27.09  ? 506  LEU A CG  1 
ATOM   130 C CD1 . LEU A 1 16 ? -3.207  3.403   -7.471  1.00 26.06  ? 506  LEU A CD1 1 
ATOM   131 C CD2 . LEU A 1 16 ? -4.109  1.794   -9.133  1.00 35.64  ? 506  LEU A CD2 1 
ATOM   132 N N   . LEU A 1 17 ? -4.768  -1.652  -5.468  1.00 22.73  ? 507  LEU A N   1 
ATOM   133 C CA  . LEU A 1 17 ? -4.331  -2.601  -4.444  1.00 18.24  ? 507  LEU A CA  1 
ATOM   134 C C   . LEU A 1 17 ? -4.578  -3.999  -4.941  1.00 30.57  ? 507  LEU A C   1 
ATOM   135 O O   . LEU A 1 17 ? -3.664  -4.842  -4.841  1.00 28.35  ? 507  LEU A O   1 
ATOM   136 C CB  . LEU A 1 17 ? -5.028  -2.222  -3.154  1.00 17.92  ? 507  LEU A CB  1 
ATOM   137 C CG  . LEU A 1 17 ? -4.610  -2.839  -1.835  1.00 40.03  ? 507  LEU A CG  1 
ATOM   138 C CD1 . LEU A 1 17 ? -3.095  -2.939  -1.689  1.00 38.95  ? 507  LEU A CD1 1 
ATOM   139 C CD2 . LEU A 1 17 ? -5.213  -1.976  -0.727  1.00 44.73  ? 507  LEU A CD2 1 
ATOM   140 N N   . PRO A 1 18 ? -5.740  -4.385  -5.463  1.00 36.03  ? 508  PRO A N   1 
ATOM   141 C CA  . PRO A 1 18 ? -5.858  -5.742  -6.042  1.00 34.88  ? 508  PRO A CA  1 
ATOM   142 C C   . PRO A 1 18 ? -4.767  -6.096  -7.065  1.00 34.52  ? 508  PRO A C   1 
ATOM   143 O O   . PRO A 1 18 ? -4.134  -7.163  -7.017  1.00 28.07  ? 508  PRO A O   1 
ATOM   144 C CB  . PRO A 1 18 ? -7.252  -5.750  -6.695  1.00 29.34  ? 508  PRO A CB  1 
ATOM   145 C CG  . PRO A 1 18 ? -7.982  -4.599  -6.114  1.00 34.37  ? 508  PRO A CG  1 
ATOM   146 C CD  . PRO A 1 18 ? -7.006  -3.657  -5.466  1.00 38.85  ? 508  PRO A CD  1 
ATOM   147 N N   . LYS A 1 19 ? -4.482  -5.216  -8.003  1.00 19.02  ? 509  LYS A N   1 
ATOM   148 C CA  . LYS A 1 19 ? -3.436  -5.448  -8.977  1.00 31.02  ? 509  LYS A CA  1 
ATOM   149 C C   . LYS A 1 19 ? -2.091  -5.663  -8.313  1.00 32.52  ? 509  LYS A C   1 
ATOM   150 O O   . LYS A 1 19 ? -1.382  -6.603  -8.679  1.00 26.50  ? 509  LYS A O   1 
ATOM   151 C CB  . LYS A 1 19 ? -3.361  -4.275  -9.985  1.00 32.48  ? 509  LYS A CB  1 
ATOM   152 C CG  . LYS A 1 19 ? -1.979  -3.929  -10.485 1.00 41.88  ? 509  LYS A CG  1 
ATOM   153 C CD  . LYS A 1 19 ? -1.899  -2.796  -11.513 1.00 39.86  ? 509  LYS A CD  1 
ATOM   154 C CE  . LYS A 1 19 ? -0.670  -2.943  -12.423 1.00 34.61  ? 509  LYS A CE  1 
ATOM   155 N NZ  . LYS A 1 19 ? -0.429  -1.743  -13.270 1.00 47.98  ? 509  LYS A NZ  1 
ATOM   156 N N   . GLN A 1 20 ? -1.675  -4.840  -7.351  1.00 32.52  ? 510  GLN A N   1 
ATOM   157 C CA  . GLN A 1 20 ? -0.319  -5.037  -6.810  1.00 26.10  ? 510  GLN A CA  1 
ATOM   158 C C   . GLN A 1 20 ? -0.178  -6.236  -5.902  1.00 23.44  ? 510  GLN A C   1 
ATOM   159 O O   . GLN A 1 20 ? 0.866   -6.847  -5.784  1.00 28.75  ? 510  GLN A O   1 
ATOM   160 C CB  . GLN A 1 20 ? 0.102   -3.791  -6.023  1.00 27.16  ? 510  GLN A CB  1 
ATOM   161 C CG  . GLN A 1 20 ? 0.295   -2.653  -7.035  1.00 24.42  ? 510  GLN A CG  1 
ATOM   162 C CD  . GLN A 1 20 ? 1.460   -2.980  -7.940  1.00 34.25  ? 510  GLN A CD  1 
ATOM   163 O OE1 . GLN A 1 20 ? 2.417   -3.691  -7.572  1.00 31.85  ? 510  GLN A OE1 1 
ATOM   164 N NE2 . GLN A 1 20 ? 1.289   -2.421  -9.128  1.00 34.46  ? 510  GLN A NE2 1 
ATOM   165 N N   . ILE A 1 21 ? -1.280  -6.591  -5.247  1.00 23.70  ? 511  ILE A N   1 
ATOM   166 C CA  . ILE A 1 21 ? -1.195  -7.736  -4.343  1.00 25.45  ? 511  ILE A CA  1 
ATOM   167 C C   . ILE A 1 21 ? -0.928  -8.971  -5.169  1.00 28.94  ? 511  ILE A C   1 
ATOM   168 O O   . ILE A 1 21 ? -0.223  -9.901  -4.817  1.00 35.82  ? 511  ILE A O   1 
ATOM   169 C CB  . ILE A 1 21 ? -2.538  -7.845  -3.603  1.00 22.27  ? 511  ILE A CB  1 
ATOM   170 C CG1 . ILE A 1 21 ? -2.601  -6.927  -2.388  1.00 19.35  ? 511  ILE A CG1 1 
ATOM   171 C CG2 . ILE A 1 21 ? -2.850  -9.295  -3.239  1.00 33.00  ? 511  ILE A CG2 1 
ATOM   172 C CD1 . ILE A 1 21 ? -4.016  -6.704  -1.893  1.00 18.40  ? 511  ILE A CD1 1 
ATOM   173 N N   . GLU A 1 22 ? -1.568  -8.967  -6.344  1.00 31.53  ? 512  GLU A N   1 
ATOM   174 C CA  . GLU A 1 22 ? -1.428  -10.152 -7.185  1.00 31.91  ? 512  GLU A CA  1 
ATOM   175 C C   . GLU A 1 22 ? -0.008  -10.333 -7.687  1.00 33.73  ? 512  GLU A C   1 
ATOM   176 O O   . GLU A 1 22 ? 0.599   -11.402 -7.634  1.00 35.10  ? 512  GLU A O   1 
ATOM   177 C CB  . GLU A 1 22 ? -2.389  -9.962  -8.350  1.00 46.25  ? 512  GLU A CB  1 
ATOM   178 C CG  . GLU A 1 22 ? -3.552  -10.948 -8.291  1.00 79.91  ? 512  GLU A CG  1 
ATOM   179 C CD  . GLU A 1 22 ? -4.620  -10.553 -9.307  1.00 100.49 ? 512  GLU A CD  1 
ATOM   180 O OE1 . GLU A 1 22 ? -4.260  -10.475 -10.509 1.00 111.25 ? 512  GLU A OE1 1 
ATOM   181 O OE2 . GLU A 1 22 ? -5.771  -10.329 -8.862  1.00 125.47 ? 512  GLU A OE2 1 
ATOM   182 N N   . ARG A 1 23 ? 0.501   -9.203  -8.196  1.00 28.67  ? 513  ARG A N   1 
ATOM   183 C CA  . ARG A 1 23 ? 1.810   -9.097  -8.805  1.00 32.26  ? 513  ARG A CA  1 
ATOM   184 C C   . ARG A 1 23 ? 2.972   -9.534  -7.930  1.00 24.90  ? 513  ARG A C   1 
ATOM   185 O O   . ARG A 1 23 ? 4.042   -9.885  -8.409  1.00 24.13  ? 513  ARG A O   1 
ATOM   186 C CB  . ARG A 1 23 ? 2.154   -7.601  -9.099  1.00 34.46  ? 513  ARG A CB  1 
ATOM   187 C CG  . ARG A 1 23 ? 1.990   -7.179  -10.538 1.00 46.41  ? 513  ARG A CG  1 
ATOM   188 C CD  . ARG A 1 23 ? 2.428   -5.718  -10.647 1.00 43.24  ? 513  ARG A CD  1 
ATOM   189 N NE  . ARG A 1 23 ? 3.801   -5.607  -11.157 1.00 44.24  ? 513  ARG A NE  1 
ATOM   190 C CZ  . ARG A 1 23 ? 4.041   -5.640  -12.476 1.00 40.31  ? 513  ARG A CZ  1 
ATOM   191 N NH1 . ARG A 1 23 ? 2.952   -5.770  -13.205 1.00 32.74  ? 513  ARG A NH1 1 
ATOM   192 N NH2 . ARG A 1 23 ? 5.276   -5.538  -12.938 1.00 44.56  ? 513  ARG A NH2 1 
ATOM   193 N N   . ASN A 1 24 ? 2.746   -9.365  -6.643  1.00 24.99  ? 514  ASN A N   1 
ATOM   194 C CA  . ASN A 1 24 ? 3.714   -9.503  -5.588  1.00 28.65  ? 514  ASN A CA  1 
ATOM   195 C C   . ASN A 1 24 ? 3.466   -10.843 -4.872  1.00 28.71  ? 514  ASN A C   1 
ATOM   196 O O   . ASN A 1 24 ? 3.917   -11.079 -3.763  1.00 28.33  ? 514  ASN A O   1 
ATOM   197 C CB  . ASN A 1 24 ? 3.622   -8.312  -4.630  1.00 24.88  ? 514  ASN A CB  1 
ATOM   198 C CG  . ASN A 1 24 ? 4.248   -7.075  -5.246  1.00 21.72  ? 514  ASN A CG  1 
ATOM   199 O OD1 . ASN A 1 24 ? 3.591   -6.124  -5.672  1.00 24.67  ? 514  ASN A OD1 1 
ATOM   200 N ND2 . ASN A 1 24 ? 5.579   -7.151  -5.302  1.00 24.20  ? 514  ASN A ND2 1 
ATOM   201 N N   . ALA A 1 25 ? 2.762   -11.679 -5.623  1.00 20.77  ? 515  ALA A N   1 
ATOM   202 C CA  . ALA A 1 25 ? 2.627   -13.077 -5.237  1.00 30.65  ? 515  ALA A CA  1 
ATOM   203 C C   . ALA A 1 25 ? 1.959   -13.249 -3.870  1.00 43.05  ? 515  ALA A C   1 
ATOM   204 O O   . ALA A 1 25 ? 2.352   -14.194 -3.199  1.00 30.13  ? 515  ALA A O   1 
ATOM   205 C CB  . ALA A 1 25 ? 3.977   -13.788 -5.222  1.00 22.25  ? 515  ALA A CB  1 
ATOM   206 N N   . LEU A 1 26 ? 1.015   -12.376 -3.537  1.00 37.11  ? 516  LEU A N   1 
ATOM   207 C CA  . LEU A 1 26 ? 0.228   -12.522 -2.330  1.00 33.00  ? 516  LEU A CA  1 
ATOM   208 C C   . LEU A 1 26 ? -1.141  -13.100 -2.671  1.00 32.22  ? 516  LEU A C   1 
ATOM   209 O O   . LEU A 1 26 ? -1.735  -12.771 -3.691  1.00 36.71  ? 516  LEU A O   1 
ATOM   210 C CB  . LEU A 1 26 ? 0.081   -11.183 -1.625  1.00 28.09  ? 516  LEU A CB  1 
ATOM   211 C CG  . LEU A 1 26 ? 1.393   -10.753 -0.951  1.00 34.87  ? 516  LEU A CG  1 
ATOM   212 C CD1 . LEU A 1 26 ? 1.490   -9.226  -0.899  1.00 32.48  ? 516  LEU A CD1 1 
ATOM   213 C CD2 . LEU A 1 26 ? 1.527   -11.343 0.437   1.00 26.99  ? 516  LEU A CD2 1 
ATOM   214 N N   . LYS A 1 27 ? -1.646  -13.970 -1.811  1.00 31.07  ? 517  LYS A N   1 
ATOM   215 C CA  . LYS A 1 27 ? -2.974  -14.539 -2.014  1.00 37.74  ? 517  LYS A CA  1 
ATOM   216 C C   . LYS A 1 27 ? -3.981  -13.667 -1.276  1.00 46.34  ? 517  LYS A C   1 
ATOM   217 O O   . LYS A 1 27 ? -3.585  -12.924 -0.363  1.00 36.80  ? 517  LYS A O   1 
ATOM   218 C CB  . LYS A 1 27 ? -2.992  -15.980 -1.524  1.00 49.99  ? 517  LYS A CB  1 
ATOM   219 C CG  . LYS A 1 27 ? -2.779  -17.028 -2.604  1.00 60.07  ? 517  LYS A CG  1 
ATOM   220 C CD  . LYS A 1 27 ? -1.621  -16.704 -3.515  1.00 60.08  ? 517  LYS A CD  1 
ATOM   221 C CE  . LYS A 1 27 ? -1.970  -15.979 -4.795  1.00 57.24  ? 517  LYS A CE  1 
ATOM   222 N NZ  . LYS A 1 27 ? -2.597  -16.867 -5.808  1.00 82.83  ? 517  LYS A NZ  1 
ATOM   223 N N   . LYS A 1 28 ? -5.251  -13.727 -1.607  1.00 44.62  ? 518  LYS A N   1 
ATOM   224 C CA  . LYS A 1 28 ? -6.352  -12.928 -1.129  1.00 51.47  ? 518  LYS A CA  1 
ATOM   225 C C   . LYS A 1 28 ? -6.326  -12.378 0.284   1.00 51.72  ? 518  LYS A C   1 
ATOM   226 O O   . LYS A 1 28 ? -6.452  -11.160 0.519   1.00 70.74  ? 518  LYS A O   1 
ATOM   227 C CB  . LYS A 1 28 ? -7.638  -13.793 -1.262  1.00 61.46  ? 518  LYS A CB  1 
ATOM   228 C CG  . LYS A 1 28 ? -8.792  -13.040 -1.918  1.00 67.72  ? 518  LYS A CG  1 
ATOM   229 C CD  . LYS A 1 28 ? -8.510  -11.543 -2.025  1.00 71.27  ? 518  LYS A CD  1 
ATOM   230 C CE  . LYS A 1 28 ? -7.987  -11.216 -3.425  1.00 71.24  ? 518  LYS A CE  1 
ATOM   231 N NZ  . LYS A 1 28 ? -8.911  -11.753 -4.469  1.00 67.90  ? 518  LYS A NZ  1 
ATOM   232 N N   . GLY A 1 29 ? -6.232  -13.220 1.298   1.00 48.89  ? 519  GLY A N   1 
ATOM   233 C CA  . GLY A 1 29 ? -6.293  -12.586 2.630   1.00 42.63  ? 519  GLY A CA  1 
ATOM   234 C C   . GLY A 1 29 ? -4.941  -12.609 3.314   1.00 39.19  ? 519  GLY A C   1 
ATOM   235 O O   . GLY A 1 29 ? -4.843  -12.545 4.543   1.00 48.22  ? 519  GLY A O   1 
ATOM   236 N N   . GLU A 1 30 ? -3.848  -12.693 2.559   1.00 28.35  ? 520  GLU A N   1 
ATOM   237 C CA  . GLU A 1 30 ? -2.545  -12.667 3.238   1.00 32.71  ? 520  GLU A CA  1 
ATOM   238 C C   . GLU A 1 30 ? -2.164  -11.259 3.692   1.00 36.25  ? 520  GLU A C   1 
ATOM   239 O O   . GLU A 1 30 ? -1.419  -11.015 4.651   1.00 34.54  ? 520  GLU A O   1 
ATOM   240 C CB  . GLU A 1 30 ? -1.521  -13.256 2.273   1.00 33.26  ? 520  GLU A CB  1 
ATOM   241 C CG  . GLU A 1 30 ? -1.569  -14.802 2.353   1.00 30.59  ? 520  GLU A CG  1 
ATOM   242 C CD  . GLU A 1 30 ? -0.481  -15.308 1.403   1.00 35.71  ? 520  GLU A CD  1 
ATOM   243 O OE1 . GLU A 1 30 ? -0.310  -14.736 0.309   1.00 26.28  ? 520  GLU A OE1 1 
ATOM   244 O OE2 . GLU A 1 30 ? 0.252   -16.243 1.721   1.00 38.55  ? 520  GLU A OE2 1 
ATOM   245 N N   . LEU A 1 31 ? -2.687  -10.249 3.002   1.00 26.69  ? 521  LEU A N   1 
ATOM   246 C CA  . LEU A 1 31 ? -2.339  -8.865  3.286   1.00 25.66  ? 521  LEU A CA  1 
ATOM   247 C C   . LEU A 1 31 ? -3.573  -7.968  3.368   1.00 25.93  ? 521  LEU A C   1 
ATOM   248 O O   . LEU A 1 31 ? -4.346  -7.871  2.418   1.00 33.38  ? 521  LEU A O   1 
ATOM   249 C CB  . LEU A 1 31 ? -1.448  -8.261  2.199   1.00 24.45  ? 521  LEU A CB  1 
ATOM   250 C CG  . LEU A 1 31 ? -1.247  -6.738  2.322   1.00 28.53  ? 521  LEU A CG  1 
ATOM   251 C CD1 . LEU A 1 31 ? -0.420  -6.342  3.539   1.00 23.97  ? 521  LEU A CD1 1 
ATOM   252 C CD2 . LEU A 1 31 ? -0.533  -6.154  1.125   1.00 20.90  ? 521  LEU A CD2 1 
ATOM   253 N N   . THR A 1 32 ? -3.707  -7.291  4.491   1.00 21.61  ? 522  THR A N   1 
ATOM   254 C CA  . THR A 1 32 ? -4.727  -6.280  4.707   1.00 30.91  ? 522  THR A CA  1 
ATOM   255 C C   . THR A 1 32 ? -4.112  -4.888  4.710   1.00 32.03  ? 522  THR A C   1 
ATOM   256 O O   . THR A 1 32 ? -3.164  -4.616  5.460   1.00 33.70  ? 522  THR A O   1 
ATOM   257 C CB  . THR A 1 32 ? -5.467  -6.577  6.027   1.00 35.74  ? 522  THR A CB  1 
ATOM   258 O OG1 . THR A 1 32 ? -6.225  -7.790  5.905   1.00 36.34  ? 522  THR A OG1 1 
ATOM   259 C CG2 . THR A 1 32 ? -6.489  -5.497  6.293   1.00 41.61  ? 522  THR A CG2 1 
ATOM   260 N N   . VAL A 1 33 ? -4.549  -3.958  3.874   1.00 32.20  ? 523  VAL A N   1 
ATOM   261 C CA  . VAL A 1 33 ? -4.012  -2.581  3.892   1.00 27.72  ? 523  VAL A CA  1 
ATOM   262 C C   . VAL A 1 33 ? -5.230  -1.778  4.326   1.00 32.84  ? 523  VAL A C   1 
ATOM   263 O O   . VAL A 1 33 ? -6.138  -1.722  3.485   1.00 31.32  ? 523  VAL A O   1 
ATOM   264 C CB  . VAL A 1 33 ? -3.480  -2.059  2.549   1.00 31.37  ? 523  VAL A CB  1 
ATOM   265 C CG1 . VAL A 1 33 ? -2.925  -0.631  2.608   1.00 24.40  ? 523  VAL A CG1 1 
ATOM   266 C CG2 . VAL A 1 33 ? -2.400  -2.991  1.992   1.00 35.60  ? 523  VAL A CG2 1 
ATOM   267 N N   . ASP A 1 34 ? -5.366  -1.201  5.523   1.00 28.23  ? 524  ASP A N   1 
ATOM   268 C CA  . ASP A 1 34 ? -6.658  -0.515  5.655   1.00 34.41  ? 524  ASP A CA  1 
ATOM   269 C C   . ASP A 1 34 ? -6.592  0.864   4.955   1.00 39.92  ? 524  ASP A C   1 
ATOM   270 O O   . ASP A 1 34 ? -5.474  1.225   4.586   1.00 25.71  ? 524  ASP A O   1 
ATOM   271 C CB  . ASP A 1 34 ? -7.108  -0.310  7.077   1.00 28.61  ? 524  ASP A CB  1 
ATOM   272 C CG  . ASP A 1 34 ? -6.186  0.515   7.923   1.00 45.43  ? 524  ASP A CG  1 
ATOM   273 O OD1 . ASP A 1 34 ? -5.395  1.347   7.429   1.00 57.83  ? 524  ASP A OD1 1 
ATOM   274 O OD2 . ASP A 1 34 ? -6.279  0.319   9.163   1.00 58.62  ? 524  ASP A OD2 1 
ATOM   275 N N   . ASP A 1 35 ? -7.754  1.496   4.866   1.00 30.06  ? 525  ASP A N   1 
ATOM   276 C CA  . ASP A 1 35 ? -7.966  2.799   4.246   1.00 27.09  ? 525  ASP A CA  1 
ATOM   277 C C   . ASP A 1 35 ? -7.064  3.845   4.914   1.00 27.49  ? 525  ASP A C   1 
ATOM   278 O O   . ASP A 1 35 ? -6.668  4.754   4.201   1.00 31.55  ? 525  ASP A O   1 
ATOM   279 C CB  . ASP A 1 35 ? -9.395  3.278   4.324   1.00 27.46  ? 525  ASP A CB  1 
ATOM   280 C CG  . ASP A 1 35 ? -10.387 2.483   3.502   1.00 32.40  ? 525  ASP A CG  1 
ATOM   281 O OD1 . ASP A 1 35 ? -10.011 1.517   2.797   1.00 29.92  ? 525  ASP A OD1 1 
ATOM   282 O OD2 . ASP A 1 35 ? -11.558 2.899   3.546   1.00 36.92  ? 525  ASP A OD2 1 
ATOM   283 N N   . SER A 1 36 ? -6.757  3.725   6.193   1.00 31.74  ? 526  SER A N   1 
ATOM   284 C CA  . SER A 1 36 ? -5.918  4.737   6.839   1.00 28.66  ? 526  SER A CA  1 
ATOM   285 C C   . SER A 1 36 ? -4.478  4.598   6.343   1.00 25.49  ? 526  SER A C   1 
ATOM   286 O O   . SER A 1 36 ? -3.691  5.551   6.303   1.00 27.91  ? 526  SER A O   1 
ATOM   287 C CB  . SER A 1 36 ? -6.006  4.660   8.366   1.00 26.37  ? 526  SER A CB  1 
ATOM   288 O OG  . SER A 1 36 ? -5.262  3.537   8.847   1.00 39.32  ? 526  SER A OG  1 
ATOM   289 N N   . ALA A 1 37 ? -4.022  3.426   5.944   1.00 23.93  ? 527  ALA A N   1 
ATOM   290 C CA  . ALA A 1 37 ? -2.706  3.334   5.314   1.00 25.84  ? 527  ALA A CA  1 
ATOM   291 C C   . ALA A 1 37 ? -2.637  3.964   3.931   1.00 26.81  ? 527  ALA A C   1 
ATOM   292 O O   . ALA A 1 37 ? -1.690  4.667   3.518   1.00 24.31  ? 527  ALA A O   1 
ATOM   293 C CB  . ALA A 1 37 ? -2.367  1.842   5.237   1.00 33.60  ? 527  ALA A CB  1 
ATOM   294 N N   . ILE A 1 38 ? -3.608  3.715   3.057   1.00 24.15  ? 528  ILE A N   1 
ATOM   295 C CA  . ILE A 1 38 ? -3.568  4.357   1.726   1.00 27.63  ? 528  ILE A CA  1 
ATOM   296 C C   . ILE A 1 38 ? -3.549  5.858   1.822   1.00 24.98  ? 528  ILE A C   1 
ATOM   297 O O   . ILE A 1 38 ? -2.848  6.581   1.097   1.00 31.79  ? 528  ILE A O   1 
ATOM   298 C CB  . ILE A 1 38 ? -4.808  3.826   0.976   1.00 38.47  ? 528  ILE A CB  1 
ATOM   299 C CG1 . ILE A 1 38 ? -4.673  2.296   0.770   1.00 32.72  ? 528  ILE A CG1 1 
ATOM   300 C CG2 . ILE A 1 38 ? -5.081  4.553   -0.317  1.00 29.79  ? 528  ILE A CG2 1 
ATOM   301 C CD1 . ILE A 1 38 ? -6.012  1.597   0.552   1.00 39.85  ? 528  ILE A CD1 1 
ATOM   302 N N   . ILE A 1 39 ? -4.317  6.358   2.808   1.00 20.45  ? 529  ILE A N   1 
ATOM   303 C CA  . ILE A 1 39 ? -4.382  7.827   2.952   1.00 26.50  ? 529  ILE A CA  1 
ATOM   304 C C   . ILE A 1 39 ? -3.018  8.351   3.366   1.00 33.77  ? 529  ILE A C   1 
ATOM   305 O O   . ILE A 1 39 ? -2.403  9.277   2.835   1.00 28.53  ? 529  ILE A O   1 
ATOM   306 C CB  . ILE A 1 39 ? -5.481  8.215   3.970   1.00 28.88  ? 529  ILE A CB  1 
ATOM   307 C CG1 . ILE A 1 39 ? -6.928  8.007   3.490   1.00 30.42  ? 529  ILE A CG1 1 
ATOM   308 C CG2 . ILE A 1 39 ? -5.230  9.636   4.419   1.00 31.18  ? 529  ILE A CG2 1 
ATOM   309 C CD1 . ILE A 1 39 ? -7.352  8.832   2.288   1.00 34.23  ? 529  ILE A CD1 1 
ATOM   310 N N   . GLY A 1 40 ? -2.491  7.658   4.392   1.00 27.97  ? 530  GLY A N   1 
ATOM   311 C CA  . GLY A 1 40 ? -1.113  7.867   4.780   1.00 25.64  ? 530  GLY A CA  1 
ATOM   312 C C   . GLY A 1 40 ? -0.179  7.782   3.575   1.00 32.16  ? 530  GLY A C   1 
ATOM   313 O O   . GLY A 1 40 ? 0.727   8.607   3.449   1.00 26.42  ? 530  GLY A O   1 
ATOM   314 N N   . ILE A 1 41 ? -0.371  6.844   2.648   1.00 28.35  ? 531  ILE A N   1 
ATOM   315 C CA  . ILE A 1 41 ? 0.535   6.830   1.482   1.00 27.47  ? 531  ILE A CA  1 
ATOM   316 C C   . ILE A 1 41 ? 0.289   8.106   0.678   1.00 23.23  ? 531  ILE A C   1 
ATOM   317 O O   . ILE A 1 41 ? 1.227   8.747   0.218   1.00 26.62  ? 531  ILE A O   1 
ATOM   318 C CB  . ILE A 1 41 ? 0.354   5.619   0.541   1.00 24.47  ? 531  ILE A CB  1 
ATOM   319 C CG1 . ILE A 1 41 ? 0.801   4.255   1.142   1.00 18.77  ? 531  ILE A CG1 1 
ATOM   320 C CG2 . ILE A 1 41 ? 1.050   5.850   -0.803  1.00 27.34  ? 531  ILE A CG2 1 
ATOM   321 C CD1 . ILE A 1 41 ? 0.283   3.102   0.299   1.00 22.51  ? 531  ILE A CD1 1 
ATOM   322 N N   . ILE A 1 42 ? -1.018  8.373   0.529   1.00 19.40  ? 532  ILE A N   1 
ATOM   323 C CA  . ILE A 1 42 ? -1.293  9.595   -0.229  1.00 22.07  ? 532  ILE A CA  1 
ATOM   324 C C   . ILE A 1 42 ? -0.640  10.798  0.445   1.00 28.54  ? 532  ILE A C   1 
ATOM   325 O O   . ILE A 1 42 ? 0.117   11.548  -0.200  1.00 28.63  ? 532  ILE A O   1 
ATOM   326 C CB  . ILE A 1 42 ? -2.814  9.750   -0.385  1.00 27.98  ? 532  ILE A CB  1 
ATOM   327 C CG1 . ILE A 1 42 ? -3.443  8.733   -1.363  1.00 26.78  ? 532  ILE A CG1 1 
ATOM   328 C CG2 . ILE A 1 42 ? -3.196  11.159  -0.814  1.00 29.25  ? 532  ILE A CG2 1 
ATOM   329 C CD1 . ILE A 1 42 ? -4.938  8.574   -1.097  1.00 21.64  ? 532  ILE A CD1 1 
ATOM   330 N N   . ARG A 1 43 ? -0.866  11.011  1.750   1.00 27.95  ? 533  ARG A N   1 
ATOM   331 C CA  . ARG A 1 43 ? -0.372  12.231  2.375   1.00 23.80  ? 533  ARG A CA  1 
ATOM   332 C C   . ARG A 1 43 ? 1.121   12.355  2.604   1.00 26.32  ? 533  ARG A C   1 
ATOM   333 O O   . ARG A 1 43 ? 1.570   13.504  2.620   1.00 35.98  ? 533  ARG A O   1 
ATOM   334 C CB  . ARG A 1 43 ? -1.044  12.418  3.744   1.00 34.24  ? 533  ARG A CB  1 
ATOM   335 C CG  . ARG A 1 43 ? -2.526  12.690  3.582   1.00 33.53  ? 533  ARG A CG  1 
ATOM   336 C CD  . ARG A 1 43 ? -3.223  12.900  4.917   1.00 34.45  ? 533  ARG A CD  1 
ATOM   337 N NE  . ARG A 1 43 ? -4.638  13.117  4.688   1.00 34.02  ? 533  ARG A NE  1 
ATOM   338 C CZ  . ARG A 1 43 ? -5.666  12.908  5.473   1.00 39.64  ? 533  ARG A CZ  1 
ATOM   339 N NH1 . ARG A 1 43 ? -5.496  12.424  6.692   1.00 38.17  ? 533  ARG A NH1 1 
ATOM   340 N NH2 . ARG A 1 43 ? -6.875  13.191  5.011   1.00 35.97  ? 533  ARG A NH2 1 
ATOM   341 N N   . TYR A 1 44 ? 1.891   11.306  2.782   1.00 31.27  ? 534  TYR A N   1 
ATOM   342 C CA  . TYR A 1 44 ? 3.315   11.442  3.153   1.00 30.30  ? 534  TYR A CA  1 
ATOM   343 C C   . TYR A 1 44 ? 4.266   10.785  2.190   1.00 37.74  ? 534  TYR A C   1 
ATOM   344 O O   . TYR A 1 44 ? 5.523   10.898  2.267   1.00 27.56  ? 534  TYR A O   1 
ATOM   345 C CB  . TYR A 1 44 ? 3.474   10.865  4.578   1.00 32.84  ? 534  TYR A CB  1 
ATOM   346 C CG  . TYR A 1 44 ? 2.460   11.517  5.499   1.00 31.00  ? 534  TYR A CG  1 
ATOM   347 C CD1 . TYR A 1 44 ? 2.661   12.849  5.864   1.00 40.29  ? 534  TYR A CD1 1 
ATOM   348 C CD2 . TYR A 1 44 ? 1.346   10.861  5.980   1.00 37.54  ? 534  TYR A CD2 1 
ATOM   349 C CE1 . TYR A 1 44 ? 1.758   13.501  6.707   1.00 46.39  ? 534  TYR A CE1 1 
ATOM   350 C CE2 . TYR A 1 44 ? 0.432   11.503  6.830   1.00 45.25  ? 534  TYR A CE2 1 
ATOM   351 C CZ  . TYR A 1 44 ? 0.650   12.825  7.179   1.00 48.73  ? 534  TYR A CZ  1 
ATOM   352 O OH  . TYR A 1 44 ? -0.227  13.483  8.011   1.00 54.67  ? 534  TYR A OH  1 
ATOM   353 N N   . TYR A 1 45 ? 3.685   10.049  1.201   1.00 22.18  ? 535  TYR A N   1 
ATOM   354 C CA  . TYR A 1 45 ? 4.745   9.485   0.342   1.00 19.65  ? 535  TYR A CA  1 
ATOM   355 C C   . TYR A 1 45 ? 4.536   9.823   -1.100  1.00 25.91  ? 535  TYR A C   1 
ATOM   356 O O   . TYR A 1 45 ? 5.154   9.237   -2.006  1.00 26.74  ? 535  TYR A O   1 
ATOM   357 C CB  . TYR A 1 45 ? 4.763   7.971   0.544   1.00 26.37  ? 535  TYR A CB  1 
ATOM   358 C CG  . TYR A 1 45 ? 5.193   7.570   1.941   1.00 32.38  ? 535  TYR A CG  1 
ATOM   359 C CD1 . TYR A 1 45 ? 4.232   7.544   2.949   1.00 26.11  ? 535  TYR A CD1 1 
ATOM   360 C CD2 . TYR A 1 45 ? 6.522   7.233   2.184   1.00 31.96  ? 535  TYR A CD2 1 
ATOM   361 C CE1 . TYR A 1 45 ? 4.612   7.175   4.221   1.00 22.11  ? 535  TYR A CE1 1 
ATOM   362 C CE2 . TYR A 1 45 ? 6.901   6.862   3.461   1.00 35.56  ? 535  TYR A CE2 1 
ATOM   363 C CZ  . TYR A 1 45 ? 5.927   6.838   4.459   1.00 32.79  ? 535  TYR A CZ  1 
ATOM   364 O OH  . TYR A 1 45 ? 6.315   6.485   5.727   1.00 30.48  ? 535  TYR A OH  1 
ATOM   365 N N   . THR A 1 46 ? 3.603   10.747  -1.327  1.00 23.37  ? 536  THR A N   1 
ATOM   366 C CA  . THR A 1 46 ? 3.422   11.115  -2.736  1.00 24.40  ? 536  THR A CA  1 
ATOM   367 C C   . THR A 1 46 ? 3.158   12.632  -2.809  1.00 26.59  ? 536  THR A C   1 
ATOM   368 O O   . THR A 1 46 ? 2.838   13.225  -1.777  1.00 28.79  ? 536  THR A O   1 
ATOM   369 C CB  . THR A 1 46 ? 2.239   10.491  -3.467  1.00 29.81  ? 536  THR A CB  1 
ATOM   370 O OG1 . THR A 1 46 ? 1.070   11.094  -2.852  1.00 31.69  ? 536  THR A OG1 1 
ATOM   371 C CG2 . THR A 1 46 ? 2.165   8.981   -3.317  1.00 22.47  ? 536  THR A CG2 1 
ATOM   372 N N   . ARG A 1 47 ? 3.282   13.193  -4.019  1.00 24.46  ? 537  ARG A N   1 
ATOM   373 C CA  . ARG A 1 47 ? 2.929   14.609  -4.195  1.00 25.81  ? 537  ARG A CA  1 
ATOM   374 C C   . ARG A 1 47 ? 2.435   14.746  -5.623  1.00 28.79  ? 537  ARG A C   1 
ATOM   375 O O   . ARG A 1 47 ? 3.256   14.934  -6.509  1.00 24.72  ? 537  ARG A O   1 
ATOM   376 C CB  . ARG A 1 47 ? 4.125   15.534  -3.966  1.00 21.45  ? 537  ARG A CB  1 
ATOM   377 C CG  . ARG A 1 47 ? 3.681   16.981  -4.343  1.00 22.11  ? 537  ARG A CG  1 
ATOM   378 C CD  . ARG A 1 47 ? 4.526   17.963  -3.522  1.00 29.93  ? 537  ARG A CD  1 
ATOM   379 N NE  . ARG A 1 47 ? 5.932   17.876  -3.844  1.00 27.68  ? 537  ARG A NE  1 
ATOM   380 C CZ  . ARG A 1 47 ? 7.130   18.081  -3.390  1.00 26.57  ? 537  ARG A CZ  1 
ATOM   381 N NH1 . ARG A 1 47 ? 7.412   18.560  -2.173  1.00 28.92  ? 537  ARG A NH1 1 
ATOM   382 N NH2 . ARG A 1 47 ? 8.152   17.782  -4.216  1.00 29.03  ? 537  ARG A NH2 1 
ATOM   383 N N   . GLU A 1 48 ? 1.148   14.624  -5.923  1.00 25.08  ? 538  GLU A N   1 
ATOM   384 C CA  . GLU A 1 48 ? 0.825   14.437  -7.329  1.00 21.76  ? 538  GLU A CA  1 
ATOM   385 C C   . GLU A 1 48 ? -0.637  14.670  -7.637  1.00 26.76  ? 538  GLU A C   1 
ATOM   386 O O   . GLU A 1 48 ? -1.449  14.547  -6.718  1.00 27.57  ? 538  GLU A O   1 
ATOM   387 C CB  . GLU A 1 48 ? 1.170   12.954  -7.657  1.00 16.31  ? 538  GLU A CB  1 
ATOM   388 C CG  . GLU A 1 48 ? 0.410   11.906  -6.841  1.00 15.21  ? 538  GLU A CG  1 
ATOM   389 C CD  . GLU A 1 48 ? 0.728   10.498  -7.280  1.00 26.54  ? 538  GLU A CD  1 
ATOM   390 O OE1 . GLU A 1 48 ? 1.270   10.259  -8.386  1.00 23.71  ? 538  GLU A OE1 1 
ATOM   391 O OE2 . GLU A 1 48 ? 0.460   9.540   -6.526  1.00 27.55  ? 538  GLU A OE2 1 
ATOM   392 N N   . ALA A 1 49 ? -1.015  14.986  -8.885  1.00 23.83  ? 539  ALA A N   1 
ATOM   393 C CA  . ALA A 1 49 ? -2.427  15.130  -9.178  1.00 22.84  ? 539  ALA A CA  1 
ATOM   394 C C   . ALA A 1 49 ? -3.078  13.794  -9.516  1.00 29.75  ? 539  ALA A C   1 
ATOM   395 O O   . ALA A 1 49 ? -4.271  13.638  -9.246  1.00 30.81  ? 539  ALA A O   1 
ATOM   396 C CB  . ALA A 1 49 ? -2.622  16.074  -10.370 1.00 18.37  ? 539  ALA A CB  1 
ATOM   397 N N   . GLY A 1 50 ? -2.330  12.853  -10.092 1.00 27.05  ? 540  GLY A N   1 
ATOM   398 C CA  . GLY A 1 50 ? -2.842  11.548  -10.501 1.00 20.92  ? 540  GLY A CA  1 
ATOM   399 C C   . GLY A 1 50 ? -2.525  10.491  -9.451  1.00 26.76  ? 540  GLY A C   1 
ATOM   400 O O   . GLY A 1 50 ? -2.486  10.800  -8.264  1.00 26.05  ? 540  GLY A O   1 
ATOM   401 N N   . VAL A 1 51 ? -2.267  9.247   -9.859  1.00 24.98  ? 541  VAL A N   1 
ATOM   402 C CA  . VAL A 1 51 ? -1.978  8.168   -8.916  1.00 30.32  ? 541  VAL A CA  1 
ATOM   403 C C   . VAL A 1 51 ? -0.764  7.317   -9.227  1.00 26.69  ? 541  VAL A C   1 
ATOM   404 O O   . VAL A 1 51 ? -0.523  6.260   -8.607  1.00 24.78  ? 541  VAL A O   1 
ATOM   405 C CB  . VAL A 1 51 ? -3.242  7.264   -8.798  1.00 29.59  ? 541  VAL A CB  1 
ATOM   406 C CG1 . VAL A 1 51 ? -4.229  7.980   -7.913  1.00 20.06  ? 541  VAL A CG1 1 
ATOM   407 C CG2 . VAL A 1 51 ? -3.780  6.962   -10.189 1.00 24.93  ? 541  VAL A CG2 1 
ATOM   408 N N   . ARG A 1 52 ? 0.107   7.688   -10.148 1.00 22.17  ? 542  ARG A N   1 
ATOM   409 C CA  . ARG A 1 52 ? 1.279   6.812   -10.340 1.00 28.86  ? 542  ARG A CA  1 
ATOM   410 C C   . ARG A 1 52 ? 2.185   6.750   -9.116  1.00 28.33  ? 542  ARG A C   1 
ATOM   411 O O   . ARG A 1 52 ? 2.746   5.692   -8.824  1.00 28.07  ? 542  ARG A O   1 
ATOM   412 C CB  . ARG A 1 52 ? 2.074   7.290   -11.558 1.00 38.33  ? 542  ARG A CB  1 
ATOM   413 C CG  . ARG A 1 52 ? 1.320   7.286   -12.884 1.00 55.48  ? 542  ARG A CG  1 
ATOM   414 C CD  . ARG A 1 52 ? 2.230   7.885   -13.961 1.00 68.19  ? 542  ARG A CD  1 
ATOM   415 N NE  . ARG A 1 52 ? 2.319   9.335   -13.902 1.00 72.38  ? 542  ARG A NE  1 
ATOM   416 C CZ  . ARG A 1 52 ? 3.344   10.163  -13.827 1.00 72.24  ? 542  ARG A CZ  1 
ATOM   417 N NH1 . ARG A 1 52 ? 4.630   9.819   -13.785 1.00 50.91  ? 542  ARG A NH1 1 
ATOM   418 N NH2 . ARG A 1 52 ? 3.024   11.460  -13.793 1.00 80.57  ? 542  ARG A NH2 1 
ATOM   419 N N   . GLY A 1 53 ? 2.418   7.812   -8.341  1.00 28.27  ? 543  GLY A N   1 
ATOM   420 C CA  . GLY A 1 53 ? 3.291   7.735   -7.178  1.00 19.12  ? 543  GLY A CA  1 
ATOM   421 C C   . GLY A 1 53 ? 2.488   6.841   -6.205  1.00 29.56  ? 543  GLY A C   1 
ATOM   422 O O   . GLY A 1 53 ? 3.067   6.003   -5.517  1.00 25.11  ? 543  GLY A O   1 
ATOM   423 N N   . LEU A 1 54 ? 1.158   6.975   -6.167  1.00 27.74  ? 544  LEU A N   1 
ATOM   424 C CA  . LEU A 1 54 ? 0.351   6.166   -5.240  1.00 28.81  ? 544  LEU A CA  1 
ATOM   425 C C   . LEU A 1 54 ? 0.549   4.672   -5.502  1.00 23.54  ? 544  LEU A C   1 
ATOM   426 O O   . LEU A 1 54 ? 0.688   3.813   -4.629  1.00 25.29  ? 544  LEU A O   1 
ATOM   427 C CB  . LEU A 1 54 ? -1.150  6.411   -5.367  1.00 25.36  ? 544  LEU A CB  1 
ATOM   428 C CG  . LEU A 1 54 ? -2.062  6.382   -4.151  1.00 37.11  ? 544  LEU A CG  1 
ATOM   429 C CD1 . LEU A 1 54 ? -3.528  6.069   -4.533  1.00 28.12  ? 544  LEU A CD1 1 
ATOM   430 C CD2 . LEU A 1 54 ? -1.590  5.438   -3.069  1.00 19.67  ? 544  LEU A CD2 1 
ATOM   431 N N   . GLU A 1 55 ? 0.545   4.409   -6.801  1.00 27.04  ? 545  GLU A N   1 
ATOM   432 C CA  . GLU A 1 55 ? 0.774   3.018   -7.223  1.00 30.07  ? 545  GLU A CA  1 
ATOM   433 C C   . GLU A 1 55 ? 2.143   2.489   -6.886  1.00 37.67  ? 545  GLU A C   1 
ATOM   434 O O   . GLU A 1 55 ? 2.325   1.362   -6.440  1.00 35.97  ? 545  GLU A O   1 
ATOM   435 C CB  . GLU A 1 55 ? 0.514   3.006   -8.744  1.00 35.11  ? 545  GLU A CB  1 
ATOM   436 C CG  . GLU A 1 55 ? -0.174  1.703   -9.098  1.00 42.84  ? 545  GLU A CG  1 
ATOM   437 C CD  . GLU A 1 55 ? 0.025   1.273   -10.537 1.00 42.80  ? 545  GLU A CD  1 
ATOM   438 O OE1 . GLU A 1 55 ? -0.121  2.120   -11.435 1.00 38.13  ? 545  GLU A OE1 1 
ATOM   439 O OE2 . GLU A 1 55 ? 0.294   0.064   -10.682 1.00 43.29  ? 545  GLU A OE2 1 
ATOM   440 N N   . ARG A 1 56 ? 3.189   3.296   -7.105  1.00 32.67  ? 546  ARG A N   1 
ATOM   441 C CA  . ARG A 1 56 ? 4.561   2.922   -6.808  1.00 28.06  ? 546  ARG A CA  1 
ATOM   442 C C   . ARG A 1 56 ? 4.698   2.494   -5.351  1.00 36.10  ? 546  ARG A C   1 
ATOM   443 O O   . ARG A 1 56 ? 5.226   1.423   -5.060  1.00 31.04  ? 546  ARG A O   1 
ATOM   444 C CB  . ARG A 1 56 ? 5.485   4.110   -7.084  1.00 29.78  ? 546  ARG A CB  1 
ATOM   445 C CG  . ARG A 1 56 ? 6.829   4.115   -6.385  1.00 43.01  ? 546  ARG A CG  1 
ATOM   446 C CD  . ARG A 1 56 ? 7.531   5.466   -6.409  1.00 45.93  ? 546  ARG A CD  1 
ATOM   447 N NE  . ARG A 1 56 ? 6.987   6.394   -5.425  1.00 44.39  ? 546  ARG A NE  1 
ATOM   448 C CZ  . ARG A 1 56 ? 6.488   7.601   -5.602  1.00 42.19  ? 546  ARG A CZ  1 
ATOM   449 N NH1 . ARG A 1 56 ? 6.404   8.175   -6.802  1.00 57.77  ? 546  ARG A NH1 1 
ATOM   450 N NH2 . ARG A 1 56 ? 6.042   8.285   -4.553  1.00 51.05  ? 546  ARG A NH2 1 
ATOM   451 N N   . GLU A 1 57 ? 4.211   3.364   -4.447  1.00 23.48  ? 547  GLU A N   1 
ATOM   452 C CA  . GLU A 1 57 ? 4.288   3.023   -3.035  1.00 24.61  ? 547  GLU A CA  1 
ATOM   453 C C   . GLU A 1 57 ? 3.429   1.825   -2.646  1.00 18.37  ? 547  GLU A C   1 
ATOM   454 O O   . GLU A 1 57 ? 3.796   1.021   -1.796  1.00 24.10  ? 547  GLU A O   1 
ATOM   455 C CB  . GLU A 1 57 ? 3.946   4.315   -2.250  1.00 23.35  ? 547  GLU A CB  1 
ATOM   456 C CG  . GLU A 1 57 ? 4.888   5.417   -2.828  1.00 25.40  ? 547  GLU A CG  1 
ATOM   457 C CD  . GLU A 1 57 ? 6.256   5.272   -2.172  1.00 31.66  ? 547  GLU A CD  1 
ATOM   458 O OE1 . GLU A 1 57 ? 6.402   4.552   -1.151  1.00 32.91  ? 547  GLU A OE1 1 
ATOM   459 O OE2 . GLU A 1 57 ? 7.226   5.850   -2.657  1.00 33.19  ? 547  GLU A OE2 1 
ATOM   460 N N   . ILE A 1 58 ? 2.263   1.658   -3.272  1.00 27.15  ? 548  ILE A N   1 
ATOM   461 C CA  . ILE A 1 58 ? 1.430   0.494   -2.910  1.00 30.63  ? 548  ILE A CA  1 
ATOM   462 C C   . ILE A 1 58 ? 2.233   -0.741  -3.309  1.00 27.07  ? 548  ILE A C   1 
ATOM   463 O O   . ILE A 1 58 ? 2.302   -1.764  -2.642  1.00 24.46  ? 548  ILE A O   1 
ATOM   464 C CB  . ILE A 1 58 ? 0.010   0.600   -3.507  1.00 33.99  ? 548  ILE A CB  1 
ATOM   465 C CG1 . ILE A 1 58 ? -0.955  1.571   -2.780  1.00 24.66  ? 548  ILE A CG1 1 
ATOM   466 C CG2 . ILE A 1 58 ? -0.660  -0.769  -3.589  1.00 25.94  ? 548  ILE A CG2 1 
ATOM   467 C CD1 . ILE A 1 58 ? -2.219  2.005   -3.504  1.00 20.12  ? 548  ILE A CD1 1 
ATOM   468 N N   . SER A 1 59 ? 2.912   -0.632  -4.446  1.00 30.20  ? 549  SER A N   1 
ATOM   469 C CA  . SER A 1 59 ? 3.718   -1.742  -4.962  1.00 29.35  ? 549  SER A CA  1 
ATOM   470 C C   . SER A 1 59 ? 4.836   -2.095  -4.000  1.00 29.19  ? 549  SER A C   1 
ATOM   471 O O   . SER A 1 59 ? 5.059   -3.237  -3.617  1.00 27.82  ? 549  SER A O   1 
ATOM   472 C CB  . SER A 1 59 ? 4.394   -1.372  -6.295  1.00 27.80  ? 549  SER A CB  1 
ATOM   473 O OG  . SER A 1 59 ? 4.769   -2.583  -6.920  1.00 39.25  ? 549  SER A OG  1 
ATOM   474 N N   . LYS A 1 60 ? 5.536   -1.032  -3.619  1.00 25.67  ? 550  LYS A N   1 
ATOM   475 C CA  . LYS A 1 60 ? 6.614   -1.220  -2.642  1.00 25.64  ? 550  LYS A CA  1 
ATOM   476 C C   . LYS A 1 60 ? 6.016   -1.838  -1.383  1.00 35.39  ? 550  LYS A C   1 
ATOM   477 O O   . LYS A 1 60 ? 6.588   -2.742  -0.736  1.00 36.88  ? 550  LYS A O   1 
ATOM   478 C CB  . LYS A 1 60 ? 7.269   0.133   -2.417  1.00 20.95  ? 550  LYS A CB  1 
ATOM   479 C CG  . LYS A 1 60 ? 8.272   0.120   -1.270  1.00 33.77  ? 550  LYS A CG  1 
ATOM   480 C CD  . LYS A 1 60 ? 9.331   1.188   -1.458  1.00 40.05  ? 550  LYS A CD  1 
ATOM   481 C CE  . LYS A 1 60 ? 10.009  1.576   -0.134  1.00 35.54  ? 550  LYS A CE  1 
ATOM   482 N NZ  . LYS A 1 60 ? 10.522  2.993   -0.343  1.00 33.26  ? 550  LYS A NZ  1 
ATOM   483 N N   . LEU A 1 61 ? 4.815   -1.377  -0.989  1.00 35.37  ? 551  LEU A N   1 
ATOM   484 C CA  . LEU A 1 61 ? 4.141   -1.965  0.172   1.00 28.62  ? 551  LEU A CA  1 
ATOM   485 C C   . LEU A 1 61 ? 4.007   -3.473  0.022   1.00 29.52  ? 551  LEU A C   1 
ATOM   486 O O   . LEU A 1 61 ? 4.408   -4.282  0.859   1.00 25.26  ? 551  LEU A O   1 
ATOM   487 C CB  . LEU A 1 61 ? 2.734   -1.339  0.334   1.00 30.26  ? 551  LEU A CB  1 
ATOM   488 C CG  . LEU A 1 61 ? 2.100   -1.469  1.712   1.00 37.73  ? 551  LEU A CG  1 
ATOM   489 C CD1 . LEU A 1 61 ? 3.174   -1.424  2.801   1.00 50.97  ? 551  LEU A CD1 1 
ATOM   490 C CD2 . LEU A 1 61 ? 1.108   -0.362  2.019   1.00 37.78  ? 551  LEU A CD2 1 
ATOM   491 N N   . CYS A 1 62 ? 3.408   -3.880  -1.119  1.00 27.02  ? 552  CYS A N   1 
ATOM   492 C CA  . CYS A 1 62 ? 3.182   -5.321  -1.287  1.00 27.98  ? 552  CYS A CA  1 
ATOM   493 C C   . CYS A 1 62 ? 4.472   -6.101  -1.388  1.00 32.90  ? 552  CYS A C   1 
ATOM   494 O O   . CYS A 1 62 ? 4.479   -7.267  -0.978  1.00 25.63  ? 552  CYS A O   1 
ATOM   495 C CB  . CYS A 1 62 ? 2.314   -5.609  -2.543  1.00 22.13  ? 552  CYS A CB  1 
ATOM   496 S SG  . CYS A 1 62 ? 0.729   -4.754  -2.348  1.00 29.12  ? 552  CYS A SG  1 
ATOM   497 N N   . ARG A 1 63 ? 5.518   -5.486  -1.935  1.00 29.88  ? 553  ARG A N   1 
ATOM   498 C CA  . ARG A 1 63 ? 6.789   -6.205  -2.107  1.00 30.79  ? 553  ARG A CA  1 
ATOM   499 C C   . ARG A 1 63 ? 7.412   -6.504  -0.761  1.00 33.07  ? 553  ARG A C   1 
ATOM   500 O O   . ARG A 1 63 ? 7.930   -7.564  -0.373  1.00 33.56  ? 553  ARG A O   1 
ATOM   501 C CB  . ARG A 1 63 ? 7.640   -5.298  -2.997  1.00 34.44  ? 553  ARG A CB  1 
ATOM   502 C CG  . ARG A 1 63 ? 8.979   -5.816  -3.490  1.00 37.29  ? 553  ARG A CG  1 
ATOM   503 C CD  . ARG A 1 63 ? 9.640   -4.827  -4.456  1.00 38.58  ? 553  ARG A CD  1 
ATOM   504 N NE  . ARG A 1 63 ? 10.398  -3.851  -3.678  1.00 54.51  ? 553  ARG A NE  1 
ATOM   505 C CZ  . ARG A 1 63 ? 10.397  -2.532  -3.804  1.00 61.91  ? 553  ARG A CZ  1 
ATOM   506 N NH1 . ARG A 1 63 ? 9.631   -1.991  -4.744  1.00 42.84  ? 553  ARG A NH1 1 
ATOM   507 N NH2 . ARG A 1 63 ? 11.147  -1.754  -3.015  1.00 54.26  ? 553  ARG A NH2 1 
ATOM   508 N N   . LYS A 1 64 ? 7.368   -5.483  0.093   1.00 26.72  ? 554  LYS A N   1 
ATOM   509 C CA  . LYS A 1 64 ? 7.906   -5.673  1.425   1.00 27.69  ? 554  LYS A CA  1 
ATOM   510 C C   . LYS A 1 64 ? 7.103   -6.729  2.153   1.00 33.26  ? 554  LYS A C   1 
ATOM   511 O O   . LYS A 1 64 ? 7.607   -7.565  2.884   1.00 34.49  ? 554  LYS A O   1 
ATOM   512 C CB  . LYS A 1 64 ? 7.793   -4.348  2.190   1.00 29.85  ? 554  LYS A CB  1 
ATOM   513 C CG  . LYS A 1 64 ? 8.607   -3.233  1.584   1.00 41.58  ? 554  LYS A CG  1 
ATOM   514 C CD  . LYS A 1 64 ? 10.091  -3.291  1.874   1.00 43.88  ? 554  LYS A CD  1 
ATOM   515 C CE  . LYS A 1 64 ? 10.852  -3.746  0.640   1.00 52.83  ? 554  LYS A CE  1 
ATOM   516 N NZ  . LYS A 1 64 ? 12.228  -4.223  0.958   1.00 69.98  ? 554  LYS A NZ  1 
ATOM   517 N N   . ALA A 1 65 ? 5.769   -6.704  1.974   1.00 36.59  ? 555  ALA A N   1 
ATOM   518 C CA  . ALA A 1 65 ? 4.988   -7.662  2.780   1.00 33.55  ? 555  ALA A CA  1 
ATOM   519 C C   . ALA A 1 65 ? 5.227   -9.115  2.405   1.00 26.57  ? 555  ALA A C   1 
ATOM   520 O O   . ALA A 1 65 ? 5.278   -9.999  3.270   1.00 31.40  ? 555  ALA A O   1 
ATOM   521 C CB  . ALA A 1 65 ? 3.490   -7.427  2.637   1.00 29.28  ? 555  ALA A CB  1 
ATOM   522 N N   . VAL A 1 66 ? 5.336   -9.326  1.079   1.00 27.05  ? 556  VAL A N   1 
ATOM   523 C CA  . VAL A 1 66 ? 5.624   -10.669 0.598   1.00 28.80  ? 556  VAL A CA  1 
ATOM   524 C C   . VAL A 1 66 ? 7.045   -11.073 1.060   1.00 37.65  ? 556  VAL A C   1 
ATOM   525 O O   . VAL A 1 66 ? 7.243   -12.236 1.425   1.00 30.55  ? 556  VAL A O   1 
ATOM   526 C CB  . VAL A 1 66 ? 5.547   -10.911 -0.913  1.00 23.66  ? 556  VAL A CB  1 
ATOM   527 C CG1 . VAL A 1 66 ? 6.680   -10.234 -1.672  1.00 27.06  ? 556  VAL A CG1 1 
ATOM   528 C CG2 . VAL A 1 66 ? 5.575   -12.426 -1.126  1.00 28.48  ? 556  VAL A CG2 1 
ATOM   529 N N   . LYS A 1 67 ? 8.017   -10.149 1.074   1.00 31.77  ? 557  LYS A N   1 
ATOM   530 C CA  . LYS A 1 67 ? 9.331   -10.536 1.597   1.00 43.17  ? 557  LYS A CA  1 
ATOM   531 C C   . LYS A 1 67 ? 9.234   -10.835 3.110   1.00 41.06  ? 557  LYS A C   1 
ATOM   532 O O   . LYS A 1 67 ? 10.009  -11.671 3.591   1.00 34.70  ? 557  LYS A O   1 
ATOM   533 C CB  . LYS A 1 67 ? 10.449  -9.530  1.386   1.00 46.14  ? 557  LYS A CB  1 
ATOM   534 C CG  . LYS A 1 67 ? 10.453  -8.563  0.237   1.00 56.25  ? 557  LYS A CG  1 
ATOM   535 C CD  . LYS A 1 67 ? 10.736  -9.057  -1.161  1.00 50.78  ? 557  LYS A CD  1 
ATOM   536 C CE  . LYS A 1 67 ? 12.187  -9.484  -1.333  1.00 60.00  ? 557  LYS A CE  1 
ATOM   537 N NZ  . LYS A 1 67 ? 12.408  -10.934 -1.071  1.00 63.80  ? 557  LYS A NZ  1 
ATOM   538 N N   . GLN A 1 68 ? 8.335   -10.199 3.836   1.00 34.93  ? 558  GLN A N   1 
ATOM   539 C CA  . GLN A 1 68 ? 8.163   -10.492 5.272   1.00 34.75  ? 558  GLN A CA  1 
ATOM   540 C C   . GLN A 1 68 ? 7.678   -11.918 5.429   1.00 30.37  ? 558  GLN A C   1 
ATOM   541 O O   . GLN A 1 68 ? 8.137   -12.759 6.206   1.00 29.54  ? 558  GLN A O   1 
ATOM   542 C CB  . GLN A 1 68 ? 7.186   -9.487  5.914   1.00 29.51  ? 558  GLN A CB  1 
ATOM   543 C CG  . GLN A 1 68 ? 7.091   -9.550  7.411   1.00 38.53  ? 558  GLN A CG  1 
ATOM   544 C CD  . GLN A 1 68 ? 6.210   -8.533  8.098   1.00 41.73  ? 558  GLN A CD  1 
ATOM   545 O OE1 . GLN A 1 68 ? 5.733   -7.562  7.538   1.00 36.81  ? 558  GLN A OE1 1 
ATOM   546 N NE2 . GLN A 1 68 ? 5.915   -8.701  9.387   1.00 48.38  ? 558  GLN A NE2 1 
ATOM   547 N N   . LEU A 1 69 ? 6.656   -12.274 4.644   1.00 26.97  ? 559  LEU A N   1 
ATOM   548 C CA  . LEU A 1 69 ? 6.171   -13.654 4.804   1.00 35.12  ? 559  LEU A CA  1 
ATOM   549 C C   . LEU A 1 69 ? 7.192   -14.685 4.371   1.00 45.29  ? 559  LEU A C   1 
ATOM   550 O O   . LEU A 1 69 ? 7.272   -15.853 4.768   1.00 42.21  ? 559  LEU A O   1 
ATOM   551 C CB  . LEU A 1 69 ? 4.872   -13.846 3.982   1.00 28.88  ? 559  LEU A CB  1 
ATOM   552 C CG  . LEU A 1 69 ? 3.714   -12.900 4.375   1.00 30.05  ? 559  LEU A CG  1 
ATOM   553 C CD1 . LEU A 1 69 ? 2.682   -12.869 3.273   1.00 29.03  ? 559  LEU A CD1 1 
ATOM   554 C CD2 . LEU A 1 69 ? 3.120   -13.303 5.729   1.00 27.53  ? 559  LEU A CD2 1 
ATOM   555 N N   . LEU A 1 70 ? 8.052   -14.273 3.436   1.00 46.47  ? 560  LEU A N   1 
ATOM   556 C CA  . LEU A 1 70 ? 9.037   -15.237 2.962   1.00 49.97  ? 560  LEU A CA  1 
ATOM   557 C C   . LEU A 1 70 ? 10.043  -15.406 4.091   1.00 51.57  ? 560  LEU A C   1 
ATOM   558 O O   . LEU A 1 70 ? 10.345  -16.520 4.500   1.00 41.95  ? 560  LEU A O   1 
ATOM   559 C CB  . LEU A 1 70 ? 9.693   -14.807 1.652   1.00 47.51  ? 560  LEU A CB  1 
ATOM   560 C CG  . LEU A 1 70 ? 8.774   -15.054 0.437   1.00 50.76  ? 560  LEU A CG  1 
ATOM   561 C CD1 . LEU A 1 70 ? 9.261   -14.302 -0.782  1.00 47.24  ? 560  LEU A CD1 1 
ATOM   562 C CD2 . LEU A 1 70 ? 8.674   -16.544 0.134   1.00 41.73  ? 560  LEU A CD2 1 
ATOM   563 N N   . LEU A 1 71 ? 10.535  -14.285 4.609   1.00 37.82  ? 561  LEU A N   1 
ATOM   564 C CA  . LEU A 1 71 ? 11.529  -14.400 5.674   1.00 43.10  ? 561  LEU A CA  1 
ATOM   565 C C   . LEU A 1 71 ? 10.976  -14.829 7.022   1.00 52.96  ? 561  LEU A C   1 
ATOM   566 O O   . LEU A 1 71 ? 11.611  -14.536 8.046   1.00 67.67  ? 561  LEU A O   1 
ATOM   567 C CB  . LEU A 1 71 ? 12.168  -13.004 5.801   1.00 32.49  ? 561  LEU A CB  1 
ATOM   568 C CG  . LEU A 1 71 ? 12.945  -12.620 4.548   1.00 30.14  ? 561  LEU A CG  1 
ATOM   569 C CD1 . LEU A 1 71 ? 13.215  -11.133 4.502   1.00 36.71  ? 561  LEU A CD1 1 
ATOM   570 C CD2 . LEU A 1 71 ? 14.222  -13.454 4.531   1.00 36.35  ? 561  LEU A CD2 1 
ATOM   571 N N   . ASP A 1 72 ? 9.833   -15.503 7.111   1.00 50.44  ? 562  ASP A N   1 
ATOM   572 C CA  . ASP A 1 72 ? 9.257   -15.892 8.399   1.00 48.95  ? 562  ASP A CA  1 
ATOM   573 C C   . ASP A 1 72 ? 7.937   -16.594 8.113   1.00 49.48  ? 562  ASP A C   1 
ATOM   574 O O   . ASP A 1 72 ? 7.002   -15.815 7.981   1.00 39.84  ? 562  ASP A O   1 
ATOM   575 C CB  . ASP A 1 72 ? 9.006   -14.697 9.297   1.00 51.67  ? 562  ASP A CB  1 
ATOM   576 C CG  . ASP A 1 72 ? 8.421   -14.970 10.669  1.00 63.11  ? 562  ASP A CG  1 
ATOM   577 O OD1 . ASP A 1 72 ? 7.915   -16.090 10.911  1.00 64.90  ? 562  ASP A OD1 1 
ATOM   578 O OD2 . ASP A 1 72 ? 8.426   -14.057 11.546  1.00 69.61  ? 562  ASP A OD2 1 
ATOM   579 N N   . LYS A 1 73 ? 7.865   -17.911 8.022   1.00 54.32  ? 563  LYS A N   1 
ATOM   580 C CA  . LYS A 1 73 ? 6.665   -18.637 7.597   1.00 48.98  ? 563  LYS A CA  1 
ATOM   581 C C   . LYS A 1 73 ? 5.707   -18.871 8.749   1.00 52.67  ? 563  LYS A C   1 
ATOM   582 O O   . LYS A 1 73 ? 4.577   -19.359 8.687   1.00 66.06  ? 563  LYS A O   1 
ATOM   583 C CB  . LYS A 1 73 ? 7.055   -19.914 6.870   1.00 53.73  ? 563  LYS A CB  1 
ATOM   584 C CG  . LYS A 1 73 ? 8.489   -20.090 6.453   1.00 57.97  ? 563  LYS A CG  1 
ATOM   585 C CD  . LYS A 1 73 ? 9.058   -19.042 5.521   1.00 75.18  ? 563  LYS A CD  1 
ATOM   586 C CE  . LYS A 1 73 ? 10.579  -19.130 5.470   1.00 85.46  ? 563  LYS A CE  1 
ATOM   587 N NZ  . LYS A 1 73 ? 11.095  -20.007 4.385   1.00 111.25 ? 563  LYS A NZ  1 
ATOM   588 N N   . SER A 1 74 ? 6.131   -18.415 9.914   1.00 50.40  ? 564  SER A N   1 
ATOM   589 C CA  . SER A 1 74 ? 5.306   -18.285 11.084  1.00 48.81  ? 564  SER A CA  1 
ATOM   590 C C   . SER A 1 74 ? 4.368   -17.089 10.967  1.00 55.50  ? 564  SER A C   1 
ATOM   591 O O   . SER A 1 74 ? 3.714   -16.757 11.954  1.00 86.31  ? 564  SER A O   1 
ATOM   592 C CB  . SER A 1 74 ? 6.199   -18.015 12.307  1.00 48.18  ? 564  SER A CB  1 
ATOM   593 O OG  . SER A 1 74 ? 7.353   -18.844 12.157  1.00 75.61  ? 564  SER A OG  1 
ATOM   594 N N   . LEU A 1 75 ? 4.365   -16.431 9.817   1.00 47.00  ? 565  LEU A N   1 
ATOM   595 C CA  . LEU A 1 75 ? 3.505   -15.306 9.560   1.00 38.75  ? 565  LEU A CA  1 
ATOM   596 C C   . LEU A 1 75 ? 2.436   -15.824 8.609   1.00 30.24  ? 565  LEU A C   1 
ATOM   597 O O   . LEU A 1 75 ? 2.888   -16.449 7.635   1.00 39.74  ? 565  LEU A O   1 
ATOM   598 C CB  . LEU A 1 75 ? 4.184   -14.107 8.905   1.00 38.79  ? 565  LEU A CB  1 
ATOM   599 C CG  . LEU A 1 75 ? 4.964   -13.118 9.750   1.00 48.33  ? 565  LEU A CG  1 
ATOM   600 C CD1 . LEU A 1 75 ? 4.959   -11.747 9.085   1.00 69.58  ? 565  LEU A CD1 1 
ATOM   601 C CD2 . LEU A 1 75 ? 4.408   -12.990 11.163  1.00 59.63  ? 565  LEU A CD2 1 
ATOM   602 N N   . LYS A 1 76 ? 1.170   -15.558 8.907   1.00 32.65  ? 566  LYS A N   1 
ATOM   603 C CA  . LYS A 1 76 ? 0.159   -16.031 7.961   1.00 36.07  ? 566  LYS A CA  1 
ATOM   604 C C   . LYS A 1 76 ? -0.508  -14.880 7.227   1.00 38.99  ? 566  LYS A C   1 
ATOM   605 O O   . LYS A 1 76 ? -1.062  -15.050 6.143   1.00 32.91  ? 566  LYS A O   1 
ATOM   606 C CB  . LYS A 1 76 ? -0.923  -16.843 8.682   1.00 48.90  ? 566  LYS A CB  1 
ATOM   607 C CG  . LYS A 1 76 ? -0.505  -18.285 8.963   1.00 59.29  ? 566  LYS A CG  1 
ATOM   608 C CD  . LYS A 1 76 ? 0.315   -18.903 7.837   1.00 67.47  ? 566  LYS A CD  1 
ATOM   609 C CE  . LYS A 1 76 ? 0.186   -20.417 7.780   1.00 75.50  ? 566  LYS A CE  1 
ATOM   610 N NZ  . LYS A 1 76 ? 0.359   -21.061 9.121   1.00 82.93  ? 566  LYS A NZ  1 
ATOM   611 N N   . HIS A 1 77 ? -0.453  -13.703 7.857   1.00 35.11  ? 567  HIS A N   1 
ATOM   612 C CA  . HIS A 1 77 ? -1.123  -12.552 7.268   1.00 38.98  ? 567  HIS A CA  1 
ATOM   613 C C   . HIS A 1 77 ? -0.466  -11.294 7.837   1.00 44.25  ? 567  HIS A C   1 
ATOM   614 O O   . HIS A 1 77 ? -0.085  -11.397 9.000   1.00 49.78  ? 567  HIS A O   1 
ATOM   615 C CB  . HIS A 1 77 ? -2.600  -12.596 7.620   1.00 51.72  ? 567  HIS A CB  1 
ATOM   616 C CG  . HIS A 1 77 ? -3.357  -11.313 7.714   1.00 71.57  ? 567  HIS A CG  1 
ATOM   617 N ND1 . HIS A 1 77 ? -3.104  -10.163 7.001   1.00 79.00  ? 567  HIS A ND1 1 
ATOM   618 C CD2 . HIS A 1 77 ? -4.434  -11.000 8.481   1.00 79.60  ? 567  HIS A CD2 1 
ATOM   619 C CE1 . HIS A 1 77 ? -3.967  -9.215  7.322   1.00 82.20  ? 567  HIS A CE1 1 
ATOM   620 N NE2 . HIS A 1 77 ? -4.798  -9.699  8.226   1.00 81.11  ? 567  HIS A NE2 1 
ATOM   621 N N   . ILE A 1 78 ? -0.397  -10.231 7.063   1.00 32.39  ? 568  ILE A N   1 
ATOM   622 C CA  . ILE A 1 78 ? 0.192   -8.942  7.404   1.00 32.46  ? 568  ILE A CA  1 
ATOM   623 C C   . ILE A 1 78 ? -0.924  -7.910  7.332   1.00 35.05  ? 568  ILE A C   1 
ATOM   624 O O   . ILE A 1 78 ? -1.711  -7.840  6.397   1.00 31.80  ? 568  ILE A O   1 
ATOM   625 C CB  . ILE A 1 78 ? 1.357   -8.590  6.478   1.00 39.36  ? 568  ILE A CB  1 
ATOM   626 C CG1 . ILE A 1 78 ? 2.500   -9.630  6.633   1.00 46.98  ? 568  ILE A CG1 1 
ATOM   627 C CG2 . ILE A 1 78 ? 1.961   -7.191  6.605   1.00 23.12  ? 568  ILE A CG2 1 
ATOM   628 C CD1 . ILE A 1 78 ? 3.301   -9.795  5.373   1.00 54.30  ? 568  ILE A CD1 1 
ATOM   629 N N   . GLU A 1 79 ? -0.953  -7.136  8.375   1.00 30.42  ? 569  GLU A N   1 
ATOM   630 C CA  . GLU A 1 79 ? -1.832  -6.026  8.608   1.00 34.08  ? 569  GLU A CA  1 
ATOM   631 C C   . GLU A 1 79 ? -1.093  -4.703  8.565   1.00 30.23  ? 569  GLU A C   1 
ATOM   632 O O   . GLU A 1 79 ? -0.189  -4.470  9.377   1.00 35.44  ? 569  GLU A O   1 
ATOM   633 C CB  . GLU A 1 79 ? -2.438  -6.178  10.005  1.00 39.72  ? 569  GLU A CB  1 
ATOM   634 C CG  . GLU A 1 79 ? -3.089  -7.546  10.188  1.00 66.71  ? 569  GLU A CG  1 
ATOM   635 C CD  . GLU A 1 79 ? -4.216  -7.448  11.213  1.00 85.89  ? 569  GLU A CD  1 
ATOM   636 O OE1 . GLU A 1 79 ? -5.061  -6.537  11.055  1.00 95.05  ? 569  GLU A OE1 1 
ATOM   637 O OE2 . GLU A 1 79 ? -4.211  -8.276  12.150  1.00 107.93 ? 569  GLU A OE2 1 
ATOM   638 N N   . ILE A 1 80 ? -1.446  -3.815  7.663   1.00 32.55  ? 570  ILE A N   1 
ATOM   639 C CA  . ILE A 1 80 ? -0.888  -2.469  7.580   1.00 28.55  ? 570  ILE A CA  1 
ATOM   640 C C   . ILE A 1 80 ? -2.008  -1.443  7.699   1.00 26.58  ? 570  ILE A C   1 
ATOM   641 O O   . ILE A 1 80 ? -3.060  -1.561  7.066   1.00 29.54  ? 570  ILE A O   1 
ATOM   642 C CB  . ILE A 1 80 ? -0.085  -2.279  6.273   1.00 31.92  ? 570  ILE A CB  1 
ATOM   643 C CG1 . ILE A 1 80 ? 0.984   -3.384  6.095   1.00 27.23  ? 570  ILE A CG1 1 
ATOM   644 C CG2 . ILE A 1 80 ? 0.545   -0.897  6.160   1.00 29.31  ? 570  ILE A CG2 1 
ATOM   645 C CD1 . ILE A 1 80 ? 1.429   -3.527  4.662   1.00 29.75  ? 570  ILE A CD1 1 
ATOM   646 N N   . ASN A 1 81 ? -1.752  -0.433  8.511   1.00 24.96  ? 571  ASN A N   1 
ATOM   647 C CA  . ASN A 1 81 ? -2.583  0.731   8.703   1.00 31.40  ? 571  ASN A CA  1 
ATOM   648 C C   . ASN A 1 81 ? -1.778  2.023   8.856   1.00 33.30  ? 571  ASN A C   1 
ATOM   649 O O   . ASN A 1 81 ? -0.555  2.054   8.691   1.00 26.45  ? 571  ASN A O   1 
ATOM   650 C CB  . ASN A 1 81 ? -3.442  0.461   9.943   1.00 32.48  ? 571  ASN A CB  1 
ATOM   651 C CG  . ASN A 1 81 ? -2.522  -0.001  11.072  1.00 43.24  ? 571  ASN A CG  1 
ATOM   652 O OD1 . ASN A 1 81 ? -1.534  0.685   11.390  1.00 46.02  ? 571  ASN A OD1 1 
ATOM   653 N ND2 . ASN A 1 81 ? -2.888  -1.159  11.612  1.00 54.65  ? 571  ASN A ND2 1 
ATOM   654 N N   . GLY A 1 82 ? -2.471  3.140   9.132   1.00 33.40  ? 572  GLY A N   1 
ATOM   655 C CA  . GLY A 1 82 ? -1.752  4.409   9.207   1.00 31.48  ? 572  GLY A CA  1 
ATOM   656 C C   . GLY A 1 82 ? -0.568  4.436   10.162  1.00 37.04  ? 572  GLY A C   1 
ATOM   657 O O   . GLY A 1 82 ? 0.365   5.217   9.965   1.00 30.01  ? 572  GLY A O   1 
ATOM   658 N N   . ASP A 1 83 ? -0.529  3.639   11.228  1.00 30.15  ? 573  ASP A N   1 
ATOM   659 C CA  . ASP A 1 83 ? 0.461   3.661   12.269  1.00 33.47  ? 573  ASP A CA  1 
ATOM   660 C C   . ASP A 1 83 ? 1.710   2.830   11.987  1.00 32.63  ? 573  ASP A C   1 
ATOM   661 O O   . ASP A 1 83 ? 2.758   3.083   12.585  1.00 34.25  ? 573  ASP A O   1 
ATOM   662 C CB  . ASP A 1 83 ? -0.120  3.117   13.600  1.00 39.56  ? 573  ASP A CB  1 
ATOM   663 C CG  . ASP A 1 83 ? -1.516  3.628   13.892  1.00 59.20  ? 573  ASP A CG  1 
ATOM   664 O OD1 . ASP A 1 83 ? -1.679  4.831   14.218  1.00 44.02  ? 573  ASP A OD1 1 
ATOM   665 O OD2 . ASP A 1 83 ? -2.476  2.824   13.794  1.00 86.53  ? 573  ASP A OD2 1 
ATOM   666 N N   . ASN A 1 84 ? 1.648   1.812   11.141  1.00 30.79  ? 574  ASN A N   1 
ATOM   667 C CA  . ASN A 1 84 ? 2.890   1.054   10.903  1.00 36.75  ? 574  ASN A CA  1 
ATOM   668 C C   . ASN A 1 84 ? 3.367   1.173   9.450   1.00 30.12  ? 574  ASN A C   1 
ATOM   669 O O   . ASN A 1 84 ? 4.280   0.468   9.002   1.00 25.72  ? 574  ASN A O   1 
ATOM   670 C CB  . ASN A 1 84 ? 2.705   -0.400  11.322  1.00 31.49  ? 574  ASN A CB  1 
ATOM   671 C CG  . ASN A 1 84 ? 1.831   -1.234  10.405  1.00 38.55  ? 574  ASN A CG  1 
ATOM   672 O OD1 . ASN A 1 84 ? 1.107   -0.649  9.595   1.00 30.82  ? 574  ASN A OD1 1 
ATOM   673 N ND2 . ASN A 1 84 ? 1.906   -2.560  10.556  1.00 29.00  ? 574  ASN A ND2 1 
ATOM   674 N N   . LEU A 1 85 ? 2.721   2.116   8.752   1.00 30.14  ? 575  LEU A N   1 
ATOM   675 C CA  . LEU A 1 85 ? 2.983   2.233   7.322   1.00 25.08  ? 575  LEU A CA  1 
ATOM   676 C C   . LEU A 1 85 ? 4.457   2.493   7.097   1.00 23.94  ? 575  LEU A C   1 
ATOM   677 O O   . LEU A 1 85 ? 5.082   1.981   6.177   1.00 26.75  ? 575  LEU A O   1 
ATOM   678 C CB  . LEU A 1 85 ? 2.101   3.339   6.696   1.00 27.21  ? 575  LEU A CB  1 
ATOM   679 C CG  . LEU A 1 85 ? 2.341   3.696   5.230   1.00 26.11  ? 575  LEU A CG  1 
ATOM   680 C CD1 . LEU A 1 85 ? 1.960   2.521   4.325   1.00 18.34  ? 575  LEU A CD1 1 
ATOM   681 C CD2 . LEU A 1 85 ? 1.604   4.969   4.791   1.00 16.82  ? 575  LEU A CD2 1 
ATOM   682 N N   . HIS A 1 86 ? 5.011   3.331   7.986   1.00 27.30  ? 576  HIS A N   1 
ATOM   683 C CA  . HIS A 1 86 ? 6.396   3.760   7.782   1.00 37.41  ? 576  HIS A CA  1 
ATOM   684 C C   . HIS A 1 86 ? 7.349   2.609   8.058   1.00 35.84  ? 576  HIS A C   1 
ATOM   685 O O   . HIS A 1 86 ? 8.526   2.721   7.687   1.00 31.56  ? 576  HIS A O   1 
ATOM   686 C CB  . HIS A 1 86 ? 6.814   4.957   8.650   1.00 34.24  ? 576  HIS A CB  1 
ATOM   687 C CG  . HIS A 1 86 ? 6.654   4.621   10.105  1.00 44.95  ? 576  HIS A CG  1 
ATOM   688 N ND1 . HIS A 1 86 ? 5.396   4.465   10.672  1.00 35.90  ? 576  HIS A ND1 1 
ATOM   689 C CD2 . HIS A 1 86 ? 7.561   4.387   11.084  1.00 41.07  ? 576  HIS A CD2 1 
ATOM   690 C CE1 . HIS A 1 86 ? 5.552   4.163   11.950  1.00 32.27  ? 576  HIS A CE1 1 
ATOM   691 N NE2 . HIS A 1 86 ? 6.842   4.112   12.235  1.00 29.67  ? 576  HIS A NE2 1 
ATOM   692 N N   . ASP A 1 87 ? 6.817   1.561   8.690   1.00 35.71  ? 577  ASP A N   1 
ATOM   693 C CA  . ASP A 1 87 ? 7.718   0.430   8.872   1.00 37.53  ? 577  ASP A CA  1 
ATOM   694 C C   . ASP A 1 87 ? 7.967   -0.214  7.507   1.00 31.91  ? 577  ASP A C   1 
ATOM   695 O O   . ASP A 1 87 ? 8.937   -0.940  7.389   1.00 35.98  ? 577  ASP A O   1 
ATOM   696 C CB  . ASP A 1 87 ? 7.209   -0.675  9.809   1.00 29.55  ? 577  ASP A CB  1 
ATOM   697 C CG  . ASP A 1 87 ? 7.042   -0.152  11.226  1.00 33.85  ? 577  ASP A CG  1 
ATOM   698 O OD1 . ASP A 1 87 ? 7.855   0.696   11.621  1.00 35.32  ? 577  ASP A OD1 1 
ATOM   699 O OD2 . ASP A 1 87 ? 6.109   -0.580  11.935  1.00 42.43  ? 577  ASP A OD2 1 
ATOM   700 N N   . TYR A 1 88 ? 7.062   0.011   6.561   1.00 35.79  ? 578  TYR A N   1 
ATOM   701 C CA  . TYR A 1 88 ? 7.209   -0.639  5.253   1.00 26.45  ? 578  TYR A CA  1 
ATOM   702 C C   . TYR A 1 88 ? 7.786   0.324   4.250   1.00 33.37  ? 578  TYR A C   1 
ATOM   703 O O   . TYR A 1 88 ? 8.570   -0.016  3.369   1.00 34.32  ? 578  TYR A O   1 
ATOM   704 C CB  . TYR A 1 88 ? 5.841   -1.183  4.755   1.00 24.55  ? 578  TYR A CB  1 
ATOM   705 C CG  . TYR A 1 88 ? 5.457   -2.336  5.675   1.00 27.05  ? 578  TYR A CG  1 
ATOM   706 C CD1 . TYR A 1 88 ? 4.836   -2.096  6.897   1.00 26.36  ? 578  TYR A CD1 1 
ATOM   707 C CD2 . TYR A 1 88 ? 5.717   -3.641  5.330   1.00 26.86  ? 578  TYR A CD2 1 
ATOM   708 C CE1 . TYR A 1 88 ? 4.490   -3.135  7.740   1.00 22.86  ? 578  TYR A CE1 1 
ATOM   709 C CE2 . TYR A 1 88 ? 5.391   -4.708  6.155   1.00 27.36  ? 578  TYR A CE2 1 
ATOM   710 C CZ  . TYR A 1 88 ? 4.761   -4.434  7.362   1.00 30.60  ? 578  TYR A CZ  1 
ATOM   711 O OH  . TYR A 1 88 ? 4.436   -5.485  8.200   1.00 37.47  ? 578  TYR A OH  1 
ATOM   712 N N   . LEU A 1 89 ? 7.348   1.571   4.386   1.00 38.45  ? 579  LEU A N   1 
ATOM   713 C CA  . LEU A 1 89 ? 7.738   2.542   3.366   1.00 43.58  ? 579  LEU A CA  1 
ATOM   714 C C   . LEU A 1 89 ? 8.891   3.434   3.756   1.00 35.37  ? 579  LEU A C   1 
ATOM   715 O O   . LEU A 1 89 ? 9.322   4.331   3.022   1.00 37.67  ? 579  LEU A O   1 
ATOM   716 C CB  . LEU A 1 89 ? 6.474   3.389   3.091   1.00 38.10  ? 579  LEU A CB  1 
ATOM   717 C CG  . LEU A 1 89 ? 5.372   2.573   2.414   1.00 32.07  ? 579  LEU A CG  1 
ATOM   718 C CD1 . LEU A 1 89 ? 4.217   3.485   2.021   1.00 33.00  ? 579  LEU A CD1 1 
ATOM   719 C CD2 . LEU A 1 89 ? 5.888   1.883   1.189   1.00 24.03  ? 579  LEU A CD2 1 
ATOM   720 N N   . GLY A 1 90 ? 9.398   3.213   4.968   1.00 32.38  ? 580  GLY A N   1 
ATOM   721 C CA  . GLY A 1 90 ? 10.459  4.124   5.411   1.00 26.68  ? 580  GLY A CA  1 
ATOM   722 C C   . GLY A 1 90 ? 10.015  5.516   5.832   1.00 32.31  ? 580  GLY A C   1 
ATOM   723 O O   . GLY A 1 90 ? 8.839   5.848   5.978   1.00 28.29  ? 580  GLY A O   1 
ATOM   724 N N   . VAL A 1 91 ? 10.994  6.402   6.077   1.00 31.76  ? 581  VAL A N   1 
ATOM   725 C CA  . VAL A 1 91 ? 10.861  7.790   6.437   1.00 31.54  ? 581  VAL A CA  1 
ATOM   726 C C   . VAL A 1 91 ? 9.921   8.521   5.485   1.00 35.76  ? 581  VAL A C   1 
ATOM   727 O O   . VAL A 1 91 ? 10.040  8.451   4.265   1.00 44.48  ? 581  VAL A O   1 
ATOM   728 C CB  . VAL A 1 91 ? 12.215  8.553   6.463   1.00 33.74  ? 581  VAL A CB  1 
ATOM   729 C CG1 . VAL A 1 91 ? 12.503  9.361   5.214   1.00 49.16  ? 581  VAL A CG1 1 
ATOM   730 C CG2 . VAL A 1 91 ? 12.234  9.498   7.664   1.00 40.86  ? 581  VAL A CG2 1 
ATOM   731 N N   . GLN A 1 92 ? 8.961   9.251   6.062   1.00 40.62  ? 582  GLN A N   1 
ATOM   732 C CA  . GLN A 1 92 ? 8.042   9.973   5.193   1.00 41.82  ? 582  GLN A CA  1 
ATOM   733 C C   . GLN A 1 92 ? 8.824   11.006  4.381   1.00 37.57  ? 582  GLN A C   1 
ATOM   734 O O   . GLN A 1 92 ? 9.762   11.625  4.853   1.00 49.13  ? 582  GLN A O   1 
ATOM   735 C CB  . GLN A 1 92 ? 6.928   10.631  6.000   1.00 52.12  ? 582  GLN A CB  1 
ATOM   736 C CG  . GLN A 1 92 ? 7.277   12.035  6.500   1.00 53.86  ? 582  GLN A CG  1 
ATOM   737 C CD  . GLN A 1 92 ? 6.305   12.357  7.631   1.00 59.96  ? 582  GLN A CD  1 
ATOM   738 O OE1 . GLN A 1 92 ? 5.729   11.428  8.207   1.00 57.94  ? 582  GLN A OE1 1 
ATOM   739 N NE2 . GLN A 1 92 ? 6.142   13.645  7.882   1.00 90.59  ? 582  GLN A NE2 1 
ATOM   740 N N   . ARG A 1 93 ? 8.370   11.112  3.155   1.00 37.77  ? 583  ARG A N   1 
ATOM   741 C CA  . ARG A 1 93 ? 8.910   11.958  2.118   1.00 37.14  ? 583  ARG A CA  1 
ATOM   742 C C   . ARG A 1 93 ? 8.335   13.366  2.181   1.00 47.88  ? 583  ARG A C   1 
ATOM   743 O O   . ARG A 1 93 ? 9.141   14.302  2.219   1.00 73.80  ? 583  ARG A O   1 
ATOM   744 C CB  . ARG A 1 93 ? 8.597   11.292  0.796   1.00 40.48  ? 583  ARG A CB  1 
ATOM   745 C CG  . ARG A 1 93 ? 9.374   11.819  -0.397  1.00 65.34  ? 583  ARG A CG  1 
ATOM   746 C CD  . ARG A 1 93 ? 9.865   10.663  -1.265  1.00 75.10  ? 583  ARG A CD  1 
ATOM   747 N NE  . ARG A 1 93 ? 10.059  9.465   -0.435  1.00 79.52  ? 583  ARG A NE  1 
ATOM   748 C CZ  . ARG A 1 93 ? 9.339   8.358   -0.627  1.00 76.90  ? 583  ARG A CZ  1 
ATOM   749 N NH1 . ARG A 1 93 ? 8.426   8.352   -1.597  1.00 59.21  ? 583  ARG A NH1 1 
ATOM   750 N NH2 . ARG A 1 93 ? 9.555   7.304   0.151   1.00 38.21  ? 583  ARG A NH2 1 
ATOM   751 N N   . PHE A 1 94 ? 7.029   13.563  2.222   1.00 51.03  ? 584  PHE A N   1 
ATOM   752 C CA  . PHE A 1 94 ? 6.376   14.878  2.186   1.00 49.59  ? 584  PHE A CA  1 
ATOM   753 C C   . PHE A 1 94 ? 5.672   15.225  3.484   1.00 51.65  ? 584  PHE A C   1 
ATOM   754 O O   . PHE A 1 94 ? 5.072   16.312  3.681   1.00 54.19  ? 584  PHE A O   1 
ATOM   755 C CB  . PHE A 1 94 ? 5.424   14.893  0.972   1.00 36.58  ? 584  PHE A CB  1 
ATOM   756 C CG  . PHE A 1 94 ? 6.039   14.386  -0.327  1.00 36.72  ? 584  PHE A CG  1 
ATOM   757 C CD1 . PHE A 1 94 ? 6.769   15.224  -1.157  1.00 41.48  ? 584  PHE A CD1 1 
ATOM   758 C CD2 . PHE A 1 94 ? 5.898   13.082  -0.753  1.00 35.03  ? 584  PHE A CD2 1 
ATOM   759 C CE1 . PHE A 1 94 ? 7.339   14.753  -2.341  1.00 33.68  ? 584  PHE A CE1 1 
ATOM   760 C CE2 . PHE A 1 94 ? 6.458   12.588  -1.920  1.00 34.91  ? 584  PHE A CE2 1 
ATOM   761 C CZ  . PHE A 1 94 ? 7.189   13.448  -2.739  1.00 34.54  ? 584  PHE A CZ  1 
ATOM   762 O OXT . PHE A 1 94 ? 5.691   14.392  4.418   1.00 62.38  ? 584  PHE A OXT 1 
HETATM 763 O O   . HOH B 2 .  ? -6.736  13.912  -12.915 1.00 38.69  ? 1001 HOH A O   1 
HETATM 764 O O   . HOH B 2 .  ? 3.059   5.388   9.924   1.00 34.86  ? 1002 HOH A O   1 
HETATM 765 O O   . HOH B 2 .  ? 0.470   6.981   15.814  1.00 46.08  ? 1003 HOH A O   1 
HETATM 766 O O   . HOH B 2 .  ? -0.343  -0.923  13.383  1.00 49.95  ? 1004 HOH A O   1 
HETATM 767 O O   . HOH B 2 .  ? -2.652  8.922   -13.146 1.00 34.30  ? 1005 HOH A O   1 
HETATM 768 O O   . HOH B 2 .  ? -12.228 7.565   -7.620  1.00 24.60  ? 1006 HOH A O   1 
HETATM 769 O O   . HOH B 2 .  ? -3.830  13.949  -2.907  1.00 29.86  ? 1007 HOH A O   1 
HETATM 770 O O   . HOH B 2 .  ? -5.598  -3.432  9.523   1.00 77.27  ? 1008 HOH A O   1 
HETATM 771 O O   . HOH B 2 .  ? 1.304   -7.681  10.730  1.00 42.11  ? 1009 HOH A O   1 
HETATM 772 O O   . HOH B 2 .  ? -0.246  -17.168 4.353   1.00 51.98  ? 1010 HOH A O   1 
HETATM 773 O O   . HOH B 2 .  ? -1.786  0.378   15.840  1.00 55.40  ? 1011 HOH A O   1 
HETATM 774 O O   . HOH B 2 .  ? -7.121  -4.242  2.859   1.00 54.91  ? 1012 HOH A O   1 
HETATM 775 O O   . HOH B 2 .  ? -3.583  14.394  -0.005  1.00 32.27  ? 1013 HOH A O   1 
HETATM 776 O O   . HOH B 2 .  ? -16.033 11.912  -6.875  1.00 33.08  ? 1014 HOH A O   1 
HETATM 777 O O   . HOH B 2 .  ? -14.299 15.779  -8.989  1.00 77.74  ? 1015 HOH A O   1 
HETATM 778 O O   . HOH B 2 .  ? 8.858   4.784   0.123   1.00 26.49  ? 1016 HOH A O   1 
HETATM 779 O O   . HOH B 2 .  ? -9.748  -0.023  5.834   1.00 50.60  ? 1017 HOH A O   1 
HETATM 780 O O   . HOH B 2 .  ? 7.378   -9.333  -5.678  1.00 24.71  ? 1018 HOH A O   1 
HETATM 781 O O   . HOH B 2 .  ? -5.139  21.033  -10.666 1.00 28.40  ? 1019 HOH A O   1 
HETATM 782 O O   . HOH B 2 .  ? 9.677   4.852   -3.111  1.00 43.28  ? 1020 HOH A O   1 
HETATM 783 O O   . HOH B 2 .  ? -0.328  -13.594 -6.357  1.00 33.20  ? 1021 HOH A O   1 
HETATM 784 O O   . HOH B 2 .  ? -4.690  12.553  -14.168 1.00 45.65  ? 1022 HOH A O   1 
HETATM 785 O O   . HOH B 2 .  ? -2.639  12.229  8.066   1.00 51.64  ? 1023 HOH A O   1 
HETATM 786 O O   . HOH B 2 .  ? -7.977  -5.949  -2.575  1.00 47.10  ? 1024 HOH A O   1 
HETATM 787 O O   . HOH B 2 .  ? -11.255 13.974  -0.888  1.00 38.34  ? 1025 HOH A O   1 
HETATM 788 O O   . HOH B 2 .  ? 7.612   16.002  -6.713  1.00 52.13  ? 1026 HOH A O   1 
HETATM 789 O O   . HOH B 2 .  ? -12.470 -3.313  -3.309  1.00 56.79  ? 1027 HOH A O   1 
HETATM 790 O O   . HOH B 2 .  ? -7.025  -6.502  13.263  1.00 77.49  ? 1028 HOH A O   1 
HETATM 791 O O   . HOH B 2 .  ? -5.778  -15.963 -3.943  1.00 66.31  ? 1029 HOH A O   1 
HETATM 792 O O   . HOH B 2 .  ? -5.952  14.762  -3.089  1.00 42.39  ? 1030 HOH A O   1 
HETATM 793 O O   . HOH B 2 .  ? 13.846  5.009   5.866   1.00 52.81  ? 1031 HOH A O   1 
HETATM 794 O O   . HOH B 2 .  ? 11.858  -0.518  9.460   1.00 51.65  ? 1032 HOH A O   1 
HETATM 795 O O   . HOH B 2 .  ? 0.480   10.913  -10.899 1.00 29.15  ? 1033 HOH A O   1 
HETATM 796 O O   . HOH B 2 .  ? -2.346  16.161  -4.469  1.00 39.17  ? 1034 HOH A O   1 
HETATM 797 O O   . HOH B 2 .  ? 8.586   -3.299  -8.377  1.00 57.43  ? 1035 HOH A O   1 
HETATM 798 O O   . HOH B 2 .  ? 5.599   9.143   7.982   1.00 50.57  ? 1036 HOH A O   1 
HETATM 799 O O   . HOH B 2 .  ? -4.282  -11.900 -5.223  1.00 40.09  ? 1037 HOH A O   1 
HETATM 800 O O   . HOH B 2 .  ? -8.857  -3.227  -2.144  1.00 35.07  ? 1038 HOH A O   1 
HETATM 801 O O   . HOH B 2 .  ? -2.482  6.344   16.292  1.00 46.22  ? 1039 HOH A O   1 
HETATM 802 O O   . HOH B 2 .  ? -1.398  -7.234  -11.092 1.00 39.35  ? 1040 HOH A O   1 
HETATM 803 O O   . HOH B 2 .  ? -5.424  -9.285  -5.459  1.00 50.05  ? 1041 HOH A O   1 
HETATM 804 O O   . HOH B 2 .  ? -1.134  10.344  -4.659  1.00 23.09  ? 1042 HOH A O   1 
HETATM 805 O O   . HOH B 2 .  ? 7.827   -2.867  -6.229  1.00 41.16  ? 1043 HOH A O   1 
HETATM 806 O O   . HOH B 2 .  ? -14.195 12.940  -3.744  1.00 38.42  ? 1044 HOH A O   1 
HETATM 807 O O   . HOH B 2 .  ? -8.243  16.208  -1.364  1.00 40.30  ? 1045 HOH A O   1 
HETATM 808 O O   . HOH B 2 .  ? 3.024   5.596   14.623  1.00 48.67  ? 1046 HOH A O   1 
HETATM 809 O O   . HOH B 2 .  ? 10.227  -11.391 8.174   1.00 44.00  ? 1047 HOH A O   1 
HETATM 810 O O   . HOH B 2 .  ? -1.493  3.952   -11.402 1.00 48.09  ? 1048 HOH A O   1 
HETATM 811 O O   . HOH B 2 .  ? 5.387   -3.422  11.742  1.00 53.79  ? 1049 HOH A O   1 
HETATM 812 O O   . HOH B 2 .  ? 11.889  -5.285  -1.449  1.00 59.61  ? 1050 HOH A O   1 
HETATM 813 O O   . HOH B 2 .  ? -14.756 10.323  -4.262  1.00 36.90  ? 1051 HOH A O   1 
HETATM 814 O O   . HOH B 2 .  ? 0.281   7.036   8.333   1.00 34.17  ? 1052 HOH A O   1 
HETATM 815 O O   . HOH B 2 .  ? 10.860  -18.574 8.186   1.00 50.11  ? 1053 HOH A O   1 
HETATM 816 O O   . HOH B 2 .  ? 11.036  4.183   9.205   1.00 44.21  ? 1054 HOH A O   1 
HETATM 817 O O   . HOH B 2 .  ? 4.800   -16.807 6.004   1.00 45.56  ? 1055 HOH A O   1 
HETATM 818 O O   . HOH B 2 .  ? -8.411  -0.354  1.827   1.00 41.61  ? 1056 HOH A O   1 
HETATM 819 O O   . HOH B 2 .  ? 7.501   0.328   -6.213  1.00 35.29  ? 1057 HOH A O   1 
HETATM 820 O O   . HOH B 2 .  ? -2.757  7.998   8.233   1.00 51.67  ? 1058 HOH A O   1 
HETATM 821 O O   . HOH B 2 .  ? -1.022  5.421   17.799  1.00 35.26  ? 1059 HOH A O   1 
HETATM 822 O O   . HOH B 2 .  ? -8.594  2.943   8.382   1.00 39.67  ? 1060 HOH A O   1 
HETATM 823 O O   . HOH B 2 .  ? -6.726  18.837  -14.284 1.00 47.90  ? 1061 HOH A O   1 
HETATM 824 O O   . HOH B 2 .  ? -7.431  16.526  -15.088 1.00 43.15  ? 1062 HOH A O   1 
HETATM 825 O O   . HOH B 2 .  ? -3.356  -10.580 0.621   1.00 48.72  ? 1063 HOH A O   1 
HETATM 826 O O   . HOH B 2 .  ? -12.778 18.108  -7.998  1.00 39.10  ? 1064 HOH A O   1 
HETATM 827 O O   . HOH B 2 .  ? -6.602  -5.263  0.872   1.00 49.35  ? 1065 HOH A O   1 
HETATM 828 O O   . HOH B 2 .  ? 2.974   7.415   7.934   1.00 42.09  ? 1066 HOH A O   1 
HETATM 829 O O   . HOH B 2 .  ? -6.967  -8.218  -3.659  1.00 49.16  ? 1067 HOH A O   1 
HETATM 830 O O   . HOH B 2 .  ? -9.704  18.076  -7.599  1.00 46.55  ? 1068 HOH A O   1 
HETATM 831 O O   . HOH B 2 .  ? 10.519  -6.999  4.354   1.00 45.05  ? 1069 HOH A O   1 
HETATM 832 O O   . HOH B 2 .  ? 1.403   15.972  3.658   1.00 41.20  ? 1070 HOH A O   1 
HETATM 833 O O   . HOH B 2 .  ? -7.111  -4.442  -10.135 1.00 66.54  ? 1071 HOH A O   1 
HETATM 834 O O   . HOH B 2 .  ? 4.790   11.338  -6.077  1.00 21.42  ? 1072 HOH A O   1 
HETATM 835 O O   . HOH B 2 .  ? -15.589 0.906   0.984   1.00 57.10  ? 1073 HOH A O   1 
HETATM 836 O O   . HOH B 2 .  ? -0.190  -19.373 -0.488  1.00 90.20  ? 1074 HOH A O   1 
HETATM 837 O O   . HOH B 2 .  ? -12.108 4.672   5.280   1.00 57.27  ? 1075 HOH A O   1 
HETATM 838 O O   . HOH B 2 .  ? 4.745   18.558  2.016   1.00 54.60  ? 1076 HOH A O   1 
HETATM 839 O O   . HOH B 2 .  ? 6.594   20.507  1.435   1.00 67.76  ? 1077 HOH A O   1 
HETATM 840 O O   . HOH B 2 .  ? -9.239  18.326  -5.311  1.00 57.95  ? 1078 HOH A O   1 
HETATM 841 O O   . HOH B 2 .  ? 5.112   16.746  -7.441  1.00 73.27  ? 1079 HOH A O   1 
HETATM 842 O O   . HOH B 2 .  ? -4.907  -11.919 -13.396 1.00 66.93  ? 1080 HOH A O   1 
HETATM 843 O O   . HOH B 2 .  ? -4.993  9.491   -15.185 1.00 69.79  ? 1081 HOH A O   1 
HETATM 844 O O   . HOH B 2 .  ? -14.404 14.125  -1.413  1.00 58.33  ? 1082 HOH A O   1 
HETATM 845 O O   . HOH B 2 .  ? 9.568   2.600   -4.114  1.00 68.86  ? 1083 HOH A O   1 
HETATM 846 O O   . HOH B 2 .  ? 8.217   -9.908  11.335  1.00 73.62  ? 1084 HOH A O   1 
HETATM 847 O O   . HOH B 2 .  ? 7.739   -3.400  13.752  1.00 55.86  ? 1085 HOH A O   1 
HETATM 848 O O   . HOH B 2 .  ? 9.863   8.875   -7.638  1.00 82.44  ? 1086 HOH A O   1 
HETATM 849 O O   . HOH B 2 .  ? 10.709  7.189   2.357   1.00 53.19  ? 1087 HOH A O   1 
HETATM 850 O O   . HOH B 2 .  ? 11.645  15.351  4.821   1.00 77.40  ? 1088 HOH A O   1 
HETATM 851 O O   . HOH B 2 .  ? 3.081   -5.844  10.603  1.00 69.60  ? 1089 HOH A O   1 
HETATM 852 O O   . HOH B 2 .  ? -5.265  3.165   11.977  1.00 81.25  ? 1090 HOH A O   1 
# 
